data_8JFC
#
_entry.id   8JFC
#
_cell.length_a   56.978
_cell.length_b   155.757
_cell.length_c   165.044
_cell.angle_alpha   90.000
_cell.angle_beta   90.000
_cell.angle_gamma   90.000
#
_symmetry.space_group_name_H-M   'P 21 21 21'
#
loop_
_entity.id
_entity.type
_entity.pdbx_description
1 polymer 'Bifunctional dihydrofolate reductase-thymidylate synthase'
2 non-polymer 'NADPH DIHYDRO-NICOTINAMIDE-ADENINE-DINUCLEOTIDE PHOSPHATE'
3 non-polymer "2'-DEOXYURIDINE 5'-MONOPHOSPHATE"
4 non-polymer '4-[3-[[2,4-bis(azanyl)-6-ethyl-pyrimidin-5-yl]methyl]phenyl]benzoic acid'
5 non-polymer GLYCEROL
6 water water
#
_entity_poly.entity_id   1
_entity_poly.type   'polypeptide(L)'
_entity_poly.pdbx_seq_one_letter_code
;MMEQVCDVFDIYAICACCKVESKNEGKKNEVFNNYTFRGLGNKGVLPWKCISLDMKYFRAVTTYVNESKYEKLKYKRCKY
LNKETVDNVNDMPNSKKLQNVVVMGRTNWESIPKKFKPLSNRINVILSRTLKKEDFDEDVYIINKVEDLIVLLGKLNYYK
CFILGGSVVYQEFLEKKLIKKIYFTRINSTYECDVFFPEINENEYQIISVSDVYTSNNTTLDFIIYKKTNNKMLNEQNCI
KGEEKNNDMPLKNDDKDTCHMKKLTEFYKNVDKYKINYENDDDDEEEDDFVYFNFNKEKEEKNKNSIHPNDFQIYNSLKY
KYHPEYQYLNIIYDIMMNGNKQSDRTGVGVLSKFGYIMKFDLSQYFPLLTTKKLFLRGIIEELLWFIRGETNGNTLLNKN
VRIWEANGTREFLDNRKLFHREVNDLGPIYGFQWRHFGAEYTNMYDNYENKGVDQLKNIINLIKNDPTSRRILLCAWNVK
DLDQMALPPCHILCQFYVFDGKLSCIMYQRSCDLGLGVPFNIASYSIFTHMIAQVCNLQPAQFIHVLGNAHVYNNHIDSL
KIQLNRIPYPFPTLKLNPDIKNIEDFTISDFTIQNYVHHEKISMDMAA
;
_entity_poly.pdbx_strand_id   A,B
#
loop_
_chem_comp.id
_chem_comp.type
_chem_comp.name
_chem_comp.formula
GOL non-polymer GLYCEROL 'C3 H8 O3'
NDP non-polymer 'NADPH DIHYDRO-NICOTINAMIDE-ADENINE-DINUCLEOTIDE PHOSPHATE' 'C21 H30 N7 O17 P3'
U8I non-polymer '4-[3-[[2,4-bis(azanyl)-6-ethyl-pyrimidin-5-yl]methyl]phenyl]benzoic acid' 'C20 H20 N4 O2'
UMP non-polymer '2'-DEOXYURIDINE 5'-MONOPHOSPHATE' 'C9 H13 N2 O8 P'
#
# COMPACT_ATOMS: atom_id res chain seq x y z
N MET A 2 23.57 16.82 -34.09
CA MET A 2 22.96 15.51 -34.23
C MET A 2 21.64 15.46 -33.50
N GLU A 3 21.01 16.62 -33.31
CA GLU A 3 19.71 16.70 -32.67
C GLU A 3 18.65 16.01 -33.54
N GLN A 4 17.50 15.75 -32.94
CA GLN A 4 16.39 15.14 -33.66
C GLN A 4 15.22 16.12 -33.76
N VAL A 5 14.68 16.23 -34.98
CA VAL A 5 13.58 17.15 -35.23
C VAL A 5 12.42 16.87 -34.28
N CYS A 6 12.07 15.59 -34.09
CA CYS A 6 11.00 15.24 -33.18
C CYS A 6 11.30 15.62 -31.73
N ASP A 7 12.57 15.76 -31.36
CA ASP A 7 12.89 16.18 -30.00
C ASP A 7 12.96 17.70 -29.86
N VAL A 8 13.46 18.40 -30.88
CA VAL A 8 13.43 19.86 -30.84
C VAL A 8 11.99 20.35 -30.79
N PHE A 9 11.16 19.83 -31.68
CA PHE A 9 9.81 20.36 -31.85
C PHE A 9 8.74 19.56 -31.14
N ASP A 10 9.13 18.52 -30.39
CA ASP A 10 8.22 17.75 -29.53
C ASP A 10 7.01 17.27 -30.31
N ILE A 11 7.28 16.44 -31.30
CA ILE A 11 6.26 15.89 -32.19
C ILE A 11 5.88 14.51 -31.68
N TYR A 12 4.60 14.34 -31.39
CA TYR A 12 4.05 13.10 -30.87
C TYR A 12 2.95 12.64 -31.80
N ALA A 13 2.63 11.36 -31.71
CA ALA A 13 1.45 10.80 -32.33
C ALA A 13 0.50 10.29 -31.26
N ILE A 14 -0.79 10.51 -31.47
CA ILE A 14 -1.81 9.98 -30.57
C ILE A 14 -2.85 9.27 -31.44
N CYS A 15 -3.28 8.10 -30.99
CA CYS A 15 -4.17 7.25 -31.78
C CYS A 15 -4.95 6.33 -30.84
N ALA A 16 -6.01 5.73 -31.41
CA ALA A 16 -6.82 4.71 -30.76
C ALA A 16 -7.05 3.58 -31.74
N CYS A 17 -6.73 2.35 -31.34
CA CYS A 17 -6.86 1.20 -32.24
C CYS A 17 -7.68 0.07 -31.63
N CYS A 18 -8.56 -0.50 -32.43
CA CYS A 18 -9.34 -1.66 -32.01
C CYS A 18 -8.74 -2.91 -32.62
N LYS A 19 -9.36 -4.04 -32.33
CA LYS A 19 -9.00 -5.27 -33.00
C LYS A 19 -9.84 -5.41 -34.28
N VAL A 20 -9.34 -6.22 -35.21
CA VAL A 20 -9.86 -6.26 -36.57
C VAL A 20 -10.26 -7.69 -36.93
N GLU A 21 -11.39 -7.81 -37.65
CA GLU A 21 -11.97 -9.11 -37.99
C GLU A 21 -11.17 -9.79 -39.09
N SER A 22 -10.53 -10.92 -38.76
CA SER A 22 -9.86 -11.74 -39.77
C SER A 22 -9.55 -13.13 -39.21
N ASN A 29 -7.84 -20.41 -31.58
CA ASN A 29 -6.49 -20.82 -31.23
C ASN A 29 -5.46 -19.80 -31.72
N GLU A 30 -5.61 -18.55 -31.31
CA GLU A 30 -4.91 -17.45 -31.97
C GLU A 30 -3.76 -16.89 -31.14
N VAL A 31 -2.76 -16.36 -31.87
CA VAL A 31 -1.63 -15.63 -31.30
C VAL A 31 -2.01 -14.17 -31.19
N PHE A 32 -1.48 -13.51 -30.16
CA PHE A 32 -1.70 -12.09 -29.95
C PHE A 32 -0.36 -11.38 -29.82
N ASN A 33 -0.28 -10.17 -30.36
CA ASN A 33 0.88 -9.32 -30.20
C ASN A 33 0.40 -7.87 -30.23
N ASN A 34 1.34 -6.92 -30.18
CA ASN A 34 0.94 -5.52 -30.20
C ASN A 34 0.15 -5.19 -31.47
N TYR A 35 0.51 -5.79 -32.60
CA TYR A 35 -0.20 -5.55 -33.86
C TYR A 35 -1.64 -6.06 -33.83
N THR A 36 -2.05 -6.77 -32.78
CA THR A 36 -3.45 -7.12 -32.60
C THR A 36 -4.33 -5.87 -32.61
N PHE A 37 -3.86 -4.78 -31.99
CA PHE A 37 -4.58 -3.51 -31.94
C PHE A 37 -4.06 -2.65 -33.09
N ARG A 38 -4.83 -2.62 -34.18
CA ARG A 38 -4.44 -1.81 -35.32
C ARG A 38 -5.60 -1.16 -36.05
N GLY A 39 -6.84 -1.43 -35.68
CA GLY A 39 -7.98 -0.91 -36.44
C GLY A 39 -8.17 0.56 -36.18
N LEU A 40 -8.03 1.40 -37.23
CA LEU A 40 -8.14 2.84 -37.12
C LEU A 40 -9.49 3.39 -37.56
N GLY A 41 -10.05 2.89 -38.66
CA GLY A 41 -11.24 3.49 -39.23
C GLY A 41 -11.96 2.59 -40.22
N ASN A 42 -13.11 3.05 -40.66
CA ASN A 42 -14.00 2.24 -41.47
C ASN A 42 -14.99 3.16 -42.16
N LYS A 43 -15.14 3.00 -43.49
CA LYS A 43 -16.13 3.77 -44.27
C LYS A 43 -15.99 5.25 -44.01
N GLY A 44 -14.75 5.73 -43.91
CA GLY A 44 -14.45 7.13 -43.71
C GLY A 44 -14.62 7.64 -42.30
N VAL A 45 -15.12 6.82 -41.38
CA VAL A 45 -15.36 7.27 -40.01
C VAL A 45 -14.70 6.29 -39.04
N LEU A 46 -14.93 6.47 -37.75
CA LEU A 46 -14.32 5.57 -36.77
C LEU A 46 -15.01 4.21 -36.82
N PRO A 47 -14.27 3.13 -36.54
CA PRO A 47 -14.88 1.79 -36.57
C PRO A 47 -15.94 1.58 -35.51
N TRP A 48 -15.83 2.26 -34.38
CA TRP A 48 -16.77 2.13 -33.26
C TRP A 48 -17.64 3.38 -33.17
N LYS A 49 -18.80 3.22 -32.56
CA LYS A 49 -19.76 4.31 -32.46
C LYS A 49 -19.18 5.50 -31.68
N CYS A 50 -18.97 5.33 -30.38
CA CYS A 50 -18.42 6.39 -29.54
C CYS A 50 -17.87 5.75 -28.28
N ILE A 51 -16.59 5.95 -28.03
CA ILE A 51 -15.98 5.51 -26.78
C ILE A 51 -15.57 6.77 -26.04
N SER A 52 -16.45 7.24 -25.16
CA SER A 52 -16.29 8.58 -24.64
C SER A 52 -15.04 8.74 -23.78
N LEU A 53 -14.60 7.68 -23.09
CA LEU A 53 -13.44 7.83 -22.21
C LEU A 53 -12.18 8.14 -23.02
N ASP A 54 -12.05 7.51 -24.19
CA ASP A 54 -10.93 7.83 -25.06
C ASP A 54 -10.99 9.28 -25.54
N MET A 55 -12.19 9.75 -25.85
CA MET A 55 -12.36 11.15 -26.24
C MET A 55 -11.86 12.06 -25.14
N LYS A 56 -12.23 11.74 -23.90
CA LYS A 56 -11.79 12.57 -22.78
C LYS A 56 -10.28 12.54 -22.64
N TYR A 57 -9.67 11.35 -22.80
CA TYR A 57 -8.22 11.22 -22.75
C TYR A 57 -7.56 11.96 -23.91
N PHE A 58 -8.13 11.81 -25.10
CA PHE A 58 -7.63 12.53 -26.26
C PHE A 58 -7.61 14.03 -25.99
N ARG A 59 -8.71 14.58 -25.46
CA ARG A 59 -8.78 16.00 -25.15
C ARG A 59 -7.72 16.40 -24.13
N ALA A 60 -7.64 15.67 -23.01
CA ALA A 60 -6.73 16.07 -21.96
C ALA A 60 -5.30 16.10 -22.48
N VAL A 61 -4.91 15.13 -23.31
CA VAL A 61 -3.53 15.11 -23.80
C VAL A 61 -3.29 16.22 -24.81
N THR A 62 -4.20 16.39 -25.78
CA THR A 62 -3.87 17.29 -26.86
C THR A 62 -4.11 18.75 -26.50
N THR A 63 -4.77 19.04 -25.38
CA THR A 63 -4.95 20.42 -24.95
C THR A 63 -4.05 20.80 -23.78
N TYR A 64 -3.38 19.85 -23.12
CA TYR A 64 -2.62 20.18 -21.92
C TYR A 64 -1.31 20.88 -22.26
N VAL A 65 -1.06 22.00 -21.58
CA VAL A 65 0.21 22.71 -21.70
C VAL A 65 0.66 23.11 -20.31
N ASN A 66 1.95 23.07 -20.07
CA ASN A 66 2.54 23.57 -18.84
C ASN A 66 3.31 24.83 -19.22
N GLU A 67 2.73 25.99 -18.88
CA GLU A 67 3.33 27.25 -19.27
C GLU A 67 4.76 27.38 -18.77
N SER A 68 5.01 27.00 -17.51
CA SER A 68 6.34 27.20 -16.94
C SER A 68 7.42 26.43 -17.70
N LYS A 69 7.04 25.41 -18.46
CA LYS A 69 8.00 24.66 -19.25
C LYS A 69 8.30 25.29 -20.61
N TYR A 70 7.49 26.26 -21.05
CA TYR A 70 7.69 26.76 -22.41
C TYR A 70 9.00 27.52 -22.55
N GLU A 71 9.44 28.18 -21.47
CA GLU A 71 10.69 28.94 -21.52
C GLU A 71 11.84 28.08 -22.00
N LYS A 72 11.98 26.90 -21.41
CA LYS A 72 12.99 25.96 -21.84
C LYS A 72 12.73 25.51 -23.27
N LEU A 73 11.46 25.33 -23.63
CA LEU A 73 11.15 24.83 -24.97
C LEU A 73 11.52 25.86 -26.03
N LYS A 74 11.22 27.13 -25.76
CA LYS A 74 11.55 28.19 -26.71
C LYS A 74 13.06 28.30 -26.90
N TYR A 75 13.81 28.24 -25.81
CA TYR A 75 15.26 28.32 -25.92
C TYR A 75 15.81 27.19 -26.77
N LYS A 76 15.33 25.96 -26.55
CA LYS A 76 15.84 24.81 -27.27
C LYS A 76 15.58 24.95 -28.76
N ARG A 77 14.36 25.34 -29.13
CA ARG A 77 14.04 25.50 -30.55
C ARG A 77 14.83 26.64 -31.17
N CYS A 78 15.01 27.73 -30.41
CA CYS A 78 15.82 28.84 -30.89
C CYS A 78 17.25 28.40 -31.16
N LYS A 79 17.84 27.65 -30.22
CA LYS A 79 19.20 27.14 -30.43
C LYS A 79 19.29 26.38 -31.74
N TYR A 80 18.38 25.42 -31.94
CA TYR A 80 18.43 24.58 -33.13
C TYR A 80 18.32 25.43 -34.40
N LEU A 81 17.51 26.48 -34.37
CA LEU A 81 17.26 27.31 -35.54
C LEU A 81 18.23 28.49 -35.66
N ASN A 82 19.11 28.66 -34.67
CA ASN A 82 20.13 29.72 -34.67
C ASN A 82 19.49 31.10 -34.64
N LYS A 83 18.69 31.33 -33.60
CA LYS A 83 18.04 32.60 -33.38
C LYS A 83 18.02 32.91 -31.89
N GLU A 84 17.68 34.16 -31.56
CA GLU A 84 17.61 34.65 -30.19
C GLU A 84 16.75 33.78 -29.27
N LYS A 96 -1.99 35.61 -26.29
CA LYS A 96 -3.01 34.63 -25.88
C LYS A 96 -2.36 33.44 -25.18
N LYS A 97 -3.19 32.50 -24.72
CA LYS A 97 -2.70 31.35 -23.99
C LYS A 97 -1.88 30.43 -24.90
N LEU A 98 -0.84 29.83 -24.33
CA LEU A 98 -0.05 28.84 -25.04
C LEU A 98 -0.92 27.64 -25.43
N GLN A 99 -0.68 27.08 -26.61
CA GLN A 99 -1.50 25.99 -27.10
C GLN A 99 -0.63 24.93 -27.74
N ASN A 100 -1.17 23.72 -27.83
CA ASN A 100 -0.56 22.68 -28.64
C ASN A 100 -0.99 22.81 -30.09
N VAL A 101 -0.20 22.23 -30.97
CA VAL A 101 -0.52 22.11 -32.38
C VAL A 101 -1.04 20.70 -32.62
N VAL A 102 -2.06 20.56 -33.47
CA VAL A 102 -2.51 19.23 -33.90
C VAL A 102 -2.52 19.19 -35.42
N VAL A 103 -2.07 18.07 -35.97
CA VAL A 103 -1.89 17.87 -37.39
C VAL A 103 -2.79 16.73 -37.85
N MET A 104 -3.57 16.97 -38.89
CA MET A 104 -4.48 15.98 -39.43
C MET A 104 -4.29 15.84 -40.93
N GLY A 105 -4.38 14.61 -41.41
CA GLY A 105 -4.56 14.41 -42.83
C GLY A 105 -5.90 14.95 -43.28
N ARG A 106 -6.00 15.21 -44.58
CA ARG A 106 -7.23 15.80 -45.10
C ARG A 106 -8.41 14.87 -44.87
N THR A 107 -8.25 13.57 -45.14
CA THR A 107 -9.36 12.65 -44.92
C THR A 107 -9.78 12.65 -43.45
N ASN A 108 -8.81 12.61 -42.54
CA ASN A 108 -9.10 12.67 -41.12
C ASN A 108 -9.89 13.94 -40.78
N TRP A 109 -9.45 15.09 -41.29
CA TRP A 109 -10.15 16.34 -41.04
C TRP A 109 -11.61 16.28 -41.48
N GLU A 110 -11.88 15.65 -42.63
CA GLU A 110 -13.24 15.63 -43.15
C GLU A 110 -14.13 14.66 -42.41
N SER A 111 -13.57 13.67 -41.72
CA SER A 111 -14.37 12.75 -40.92
C SER A 111 -14.88 13.40 -39.64
N ILE A 112 -14.32 14.52 -39.20
CA ILE A 112 -14.73 15.14 -37.95
C ILE A 112 -16.02 15.93 -38.18
N PRO A 113 -17.03 15.79 -37.29
CA PRO A 113 -18.24 16.61 -37.43
C PRO A 113 -17.93 18.10 -37.35
N LYS A 114 -18.68 18.89 -38.14
CA LYS A 114 -18.36 20.30 -38.30
C LYS A 114 -18.41 21.04 -36.97
N LYS A 115 -19.33 20.67 -36.10
CA LYS A 115 -19.48 21.40 -34.84
C LYS A 115 -18.27 21.24 -33.93
N PHE A 116 -17.37 20.29 -34.22
CA PHE A 116 -16.14 20.10 -33.45
C PHE A 116 -14.89 20.64 -34.14
N LYS A 117 -15.03 21.24 -35.31
CA LYS A 117 -13.92 21.74 -36.14
C LYS A 117 -13.90 23.26 -36.10
N PRO A 118 -12.74 23.89 -35.93
CA PRO A 118 -11.43 23.30 -35.65
C PRO A 118 -11.38 22.86 -34.19
N LEU A 119 -10.50 21.94 -33.83
CA LEU A 119 -10.46 21.42 -32.46
C LEU A 119 -10.21 22.55 -31.47
N SER A 120 -11.12 22.70 -30.52
CA SER A 120 -11.08 23.83 -29.60
C SER A 120 -9.75 23.90 -28.85
N ASN A 121 -9.26 25.14 -28.66
CA ASN A 121 -8.04 25.44 -27.90
C ASN A 121 -6.80 24.75 -28.45
N ARG A 122 -6.77 24.39 -29.72
CA ARG A 122 -5.57 23.85 -30.34
C ARG A 122 -5.32 24.55 -31.68
N ILE A 123 -4.04 24.66 -32.04
CA ILE A 123 -3.65 25.15 -33.35
C ILE A 123 -3.83 23.99 -34.34
N ASN A 124 -4.80 24.11 -35.23
CA ASN A 124 -5.15 23.05 -36.18
C ASN A 124 -4.36 23.17 -37.48
N VAL A 125 -3.74 22.07 -37.90
CA VAL A 125 -2.93 22.02 -39.11
C VAL A 125 -3.42 20.85 -39.95
N ILE A 126 -3.79 21.12 -41.21
CA ILE A 126 -4.28 20.08 -42.12
C ILE A 126 -3.24 19.86 -43.20
N LEU A 127 -2.90 18.60 -43.44
CA LEU A 127 -2.07 18.21 -44.57
C LEU A 127 -2.94 17.88 -45.77
N SER A 128 -2.71 18.57 -46.89
CA SER A 128 -3.46 18.29 -48.11
C SER A 128 -2.68 18.75 -49.32
N ARG A 129 -2.91 18.08 -50.44
CA ARG A 129 -2.51 18.59 -51.75
C ARG A 129 -3.69 19.04 -52.58
N THR A 130 -4.83 18.37 -52.49
CA THR A 130 -5.95 18.71 -53.35
C THR A 130 -6.72 19.93 -52.88
N LEU A 131 -6.49 20.41 -51.67
CA LEU A 131 -7.18 21.59 -51.15
C LEU A 131 -6.15 22.60 -50.68
N LYS A 132 -6.51 23.87 -50.78
CA LYS A 132 -5.66 24.96 -50.28
C LYS A 132 -6.52 25.83 -49.37
N LYS A 133 -5.91 26.88 -48.82
CA LYS A 133 -6.57 27.62 -47.76
C LYS A 133 -7.93 28.19 -48.18
N GLU A 134 -8.13 28.43 -49.49
CA GLU A 134 -9.39 29.00 -49.95
C GLU A 134 -10.56 28.03 -49.81
N ASP A 135 -10.28 26.74 -49.78
CA ASP A 135 -11.31 25.75 -49.58
C ASP A 135 -11.80 25.64 -48.14
N PHE A 136 -11.26 26.43 -47.19
CA PHE A 136 -11.62 26.28 -45.78
C PHE A 136 -12.18 27.59 -45.24
N ASP A 137 -13.36 27.50 -44.61
CA ASP A 137 -13.86 28.60 -43.79
C ASP A 137 -13.09 28.73 -42.47
N GLU A 138 -12.58 27.63 -41.91
CA GLU A 138 -12.17 27.61 -40.51
C GLU A 138 -10.76 28.18 -40.33
N ASP A 139 -10.47 28.51 -39.07
CA ASP A 139 -9.16 28.96 -38.58
C ASP A 139 -8.20 27.77 -38.54
N VAL A 140 -7.54 27.50 -39.66
CA VAL A 140 -6.65 26.35 -39.79
C VAL A 140 -5.49 26.73 -40.71
N TYR A 141 -4.36 26.06 -40.50
CA TYR A 141 -3.22 26.14 -41.40
C TYR A 141 -3.29 24.97 -42.38
N ILE A 142 -3.14 25.27 -43.68
CA ILE A 142 -2.96 24.24 -44.69
C ILE A 142 -1.46 24.15 -44.99
N ILE A 143 -0.96 22.92 -45.09
CA ILE A 143 0.40 22.65 -45.53
C ILE A 143 0.35 21.45 -46.47
N ASN A 144 1.23 21.45 -47.47
CA ASN A 144 1.18 20.47 -48.55
C ASN A 144 2.37 19.52 -48.58
N LYS A 145 3.17 19.47 -47.51
CA LYS A 145 4.27 18.50 -47.41
C LYS A 145 4.82 18.56 -46.00
N VAL A 146 5.47 17.46 -45.60
CA VAL A 146 5.87 17.31 -44.21
C VAL A 146 6.85 18.42 -43.80
N GLU A 147 7.77 18.76 -44.69
CA GLU A 147 8.82 19.75 -44.36
C GLU A 147 8.22 21.12 -44.05
N ASP A 148 7.06 21.45 -44.64
CA ASP A 148 6.39 22.70 -44.31
C ASP A 148 5.80 22.71 -42.90
N LEU A 149 5.58 21.54 -42.31
CA LEU A 149 5.20 21.50 -40.90
C LEU A 149 6.37 21.95 -40.05
N ILE A 150 7.56 21.43 -40.34
CA ILE A 150 8.74 21.80 -39.56
C ILE A 150 9.00 23.29 -39.68
N VAL A 151 8.88 23.83 -40.90
CA VAL A 151 9.01 25.27 -41.08
C VAL A 151 7.96 26.00 -40.25
N LEU A 152 6.69 25.57 -40.35
CA LEU A 152 5.63 26.20 -39.58
C LEU A 152 5.94 26.17 -38.08
N LEU A 153 6.39 25.02 -37.56
CA LEU A 153 6.67 24.90 -36.13
C LEU A 153 7.79 25.85 -35.69
N GLY A 154 8.79 26.06 -36.53
CA GLY A 154 9.84 27.02 -36.22
C GLY A 154 9.34 28.45 -36.13
N LYS A 155 8.15 28.73 -36.66
CA LYS A 155 7.57 30.06 -36.67
C LYS A 155 6.48 30.27 -35.63
N LEU A 156 5.98 29.21 -35.00
CA LEU A 156 4.87 29.34 -34.09
C LEU A 156 5.33 29.25 -32.65
N ASN A 157 4.55 29.87 -31.77
CA ASN A 157 4.59 29.58 -30.35
C ASN A 157 3.60 28.47 -30.04
N TYR A 158 4.12 27.32 -29.60
CA TYR A 158 3.26 26.21 -29.22
C TYR A 158 3.99 25.37 -28.17
N TYR A 159 3.19 24.62 -27.43
CA TYR A 159 3.76 23.73 -26.41
C TYR A 159 4.24 22.41 -27.02
N LYS A 160 3.30 21.61 -27.54
CA LYS A 160 3.63 20.32 -28.16
C LYS A 160 2.84 20.17 -29.45
N CYS A 161 3.34 19.27 -30.30
CA CYS A 161 2.74 19.01 -31.59
C CYS A 161 2.33 17.55 -31.69
N PHE A 162 1.04 17.31 -31.92
CA PHE A 162 0.42 16.00 -31.88
C PHE A 162 -0.11 15.65 -33.26
N ILE A 163 0.29 14.48 -33.76
CA ILE A 163 -0.15 13.98 -35.06
C ILE A 163 -1.40 13.11 -34.82
N LEU A 164 -2.52 13.46 -35.47
CA LEU A 164 -3.78 12.81 -35.16
C LEU A 164 -4.19 11.76 -36.17
N GLY A 165 -3.35 11.49 -37.17
CA GLY A 165 -3.72 10.60 -38.25
C GLY A 165 -4.27 11.36 -39.46
N GLY A 166 -4.78 10.59 -40.42
CA GLY A 166 -5.05 9.18 -40.36
C GLY A 166 -3.86 8.30 -40.69
N SER A 167 -4.16 7.15 -41.30
CA SER A 167 -3.16 6.09 -41.48
C SER A 167 -2.01 6.56 -42.35
N VAL A 168 -2.32 7.25 -43.45
CA VAL A 168 -1.27 7.77 -44.32
C VAL A 168 -0.34 8.71 -43.55
N VAL A 169 -0.93 9.64 -42.79
CA VAL A 169 -0.15 10.58 -42.00
C VAL A 169 0.71 9.85 -40.98
N TYR A 170 0.12 8.87 -40.27
CA TYR A 170 0.90 8.11 -39.29
C TYR A 170 2.08 7.42 -39.96
N GLN A 171 1.81 6.75 -41.07
CA GLN A 171 2.82 5.90 -41.71
C GLN A 171 4.06 6.69 -42.11
N GLU A 172 3.87 7.86 -42.74
CA GLU A 172 5.02 8.63 -43.18
C GLU A 172 5.73 9.33 -42.02
N PHE A 173 4.98 9.78 -41.01
CA PHE A 173 5.64 10.36 -39.85
C PHE A 173 6.43 9.32 -39.09
N LEU A 174 5.90 8.10 -38.98
CA LEU A 174 6.67 7.02 -38.39
C LEU A 174 7.87 6.65 -39.24
N GLU A 175 7.67 6.58 -40.57
CA GLU A 175 8.76 6.20 -41.47
C GLU A 175 9.93 7.16 -41.35
N LYS A 176 9.64 8.46 -41.39
CA LYS A 176 10.64 9.51 -41.25
C LYS A 176 11.14 9.68 -39.81
N LYS A 177 10.70 8.82 -38.88
CA LYS A 177 11.17 8.86 -37.48
C LYS A 177 10.94 10.23 -36.85
N LEU A 178 9.80 10.84 -37.18
CA LEU A 178 9.46 12.16 -36.67
C LEU A 178 8.61 12.12 -35.42
N ILE A 179 8.36 10.94 -34.85
CA ILE A 179 7.49 10.78 -33.69
C ILE A 179 8.38 10.48 -32.49
N LYS A 180 8.27 11.30 -31.46
CA LYS A 180 9.01 11.07 -30.22
C LYS A 180 8.29 10.06 -29.32
N LYS A 181 6.96 10.14 -29.22
CA LYS A 181 6.19 9.16 -28.48
C LYS A 181 4.87 8.92 -29.19
N ILE A 182 4.38 7.69 -29.10
CA ILE A 182 3.05 7.34 -29.57
C ILE A 182 2.16 7.14 -28.36
N TYR A 183 1.14 7.99 -28.22
CA TYR A 183 0.09 7.78 -27.25
C TYR A 183 -0.98 6.93 -27.91
N PHE A 184 -1.17 5.72 -27.40
CA PHE A 184 -1.83 4.65 -28.12
C PHE A 184 -2.90 4.07 -27.21
N THR A 185 -4.14 4.22 -27.63
CA THR A 185 -5.27 3.63 -26.91
C THR A 185 -5.56 2.26 -27.51
N ARG A 186 -5.61 1.25 -26.65
CA ARG A 186 -5.96 -0.09 -27.08
C ARG A 186 -7.44 -0.31 -26.78
N ILE A 187 -8.24 -0.33 -27.84
CA ILE A 187 -9.67 -0.61 -27.76
C ILE A 187 -9.86 -2.13 -27.80
N ASN A 188 -10.27 -2.72 -26.69
CA ASN A 188 -10.24 -4.18 -26.59
C ASN A 188 -11.59 -4.76 -27.03
N SER A 189 -11.87 -4.58 -28.30
CA SER A 189 -13.02 -5.18 -28.94
C SER A 189 -12.76 -5.17 -30.45
N THR A 190 -13.54 -5.97 -31.16
CA THR A 190 -13.32 -6.17 -32.58
C THR A 190 -14.39 -5.43 -33.37
N TYR A 191 -13.95 -4.69 -34.40
CA TYR A 191 -14.85 -3.98 -35.30
C TYR A 191 -14.36 -4.13 -36.72
N GLU A 192 -15.29 -3.96 -37.65
CA GLU A 192 -14.95 -3.94 -39.07
C GLU A 192 -14.14 -2.69 -39.39
N CYS A 193 -12.99 -2.86 -40.05
CA CYS A 193 -12.10 -1.76 -40.35
C CYS A 193 -11.60 -1.86 -41.78
N ASP A 194 -11.24 -0.70 -42.36
CA ASP A 194 -10.62 -0.65 -43.68
C ASP A 194 -9.34 0.17 -43.73
N VAL A 195 -8.97 0.88 -42.67
CA VAL A 195 -7.67 1.52 -42.56
C VAL A 195 -7.06 1.09 -41.23
N PHE A 196 -5.73 1.02 -41.21
CA PHE A 196 -5.02 0.36 -40.13
C PHE A 196 -3.84 1.22 -39.74
N PHE A 197 -3.53 1.21 -38.44
CA PHE A 197 -2.31 1.86 -37.97
C PHE A 197 -1.11 1.08 -38.50
N PRO A 198 -0.02 1.76 -38.88
CA PRO A 198 1.18 1.05 -39.33
C PRO A 198 1.70 0.12 -38.25
N GLU A 199 2.31 -0.98 -38.70
CA GLU A 199 2.97 -1.88 -37.77
C GLU A 199 4.16 -1.17 -37.13
N ILE A 200 4.10 -1.00 -35.81
CA ILE A 200 5.18 -0.33 -35.10
C ILE A 200 6.41 -1.22 -35.10
N ASN A 201 7.56 -0.64 -35.44
CA ASN A 201 8.81 -1.38 -35.50
C ASN A 201 9.39 -1.45 -34.10
N GLU A 202 9.41 -2.65 -33.51
CA GLU A 202 9.84 -2.81 -32.12
C GLU A 202 11.29 -2.40 -31.93
N ASN A 203 12.11 -2.55 -32.97
CA ASN A 203 13.48 -2.06 -32.86
C ASN A 203 13.53 -0.54 -32.77
N GLU A 204 12.49 0.14 -33.21
CA GLU A 204 12.44 1.60 -33.21
C GLU A 204 11.71 2.19 -32.01
N TYR A 205 10.61 1.57 -31.59
CA TYR A 205 9.77 2.08 -30.52
C TYR A 205 9.52 0.98 -29.49
N GLN A 206 9.56 1.35 -28.21
CA GLN A 206 9.26 0.40 -27.15
C GLN A 206 8.25 1.01 -26.19
N ILE A 207 7.40 0.16 -25.63
CA ILE A 207 6.43 0.60 -24.64
C ILE A 207 7.17 0.97 -23.35
N ILE A 208 7.00 2.20 -22.91
CA ILE A 208 7.60 2.62 -21.64
C ILE A 208 6.57 2.78 -20.52
N SER A 209 5.28 2.86 -20.82
CA SER A 209 4.30 3.01 -19.75
C SER A 209 2.95 2.45 -20.19
N VAL A 210 2.19 1.97 -19.21
CA VAL A 210 0.86 1.40 -19.44
C VAL A 210 -0.07 1.86 -18.33
N SER A 211 -1.30 2.19 -18.70
CA SER A 211 -2.24 2.79 -17.75
C SER A 211 -3.07 1.73 -17.04
N ASP A 212 -3.89 2.20 -16.11
CA ASP A 212 -5.00 1.42 -15.56
C ASP A 212 -5.88 0.94 -16.70
N VAL A 213 -6.72 -0.08 -16.44
CA VAL A 213 -7.72 -0.56 -17.41
C VAL A 213 -9.07 0.05 -17.06
N TYR A 214 -9.84 0.39 -18.09
CA TYR A 214 -11.13 1.02 -17.87
C TYR A 214 -12.17 0.33 -18.73
N THR A 215 -13.43 0.60 -18.41
CA THR A 215 -14.54 0.27 -19.29
C THR A 215 -15.24 1.56 -19.71
N SER A 216 -15.58 1.65 -20.99
CA SER A 216 -16.36 2.75 -21.50
C SER A 216 -17.16 2.25 -22.68
N ASN A 217 -18.47 2.51 -22.69
CA ASN A 217 -19.34 2.09 -23.80
C ASN A 217 -19.18 0.60 -24.11
N ASN A 218 -19.24 -0.22 -23.07
CA ASN A 218 -19.31 -1.66 -23.19
C ASN A 218 -18.04 -2.25 -23.80
N THR A 219 -16.90 -1.59 -23.65
CA THR A 219 -15.62 -2.19 -24.00
C THR A 219 -14.56 -1.78 -22.97
N THR A 220 -13.60 -2.66 -22.76
CA THR A 220 -12.44 -2.26 -21.99
C THR A 220 -11.41 -1.63 -22.91
N LEU A 221 -10.50 -0.90 -22.31
CA LEU A 221 -9.46 -0.17 -23.01
C LEU A 221 -8.42 0.23 -22.00
N ASP A 222 -7.19 0.40 -22.47
CA ASP A 222 -6.17 1.07 -21.70
C ASP A 222 -5.39 2.01 -22.62
N PHE A 223 -4.44 2.71 -22.02
CA PHE A 223 -3.61 3.70 -22.70
C PHE A 223 -2.15 3.34 -22.48
N ILE A 224 -1.41 3.15 -23.56
CA ILE A 224 0.01 2.85 -23.44
C ILE A 224 0.80 3.89 -24.24
N ILE A 225 2.06 4.02 -23.86
CA ILE A 225 2.94 5.03 -24.42
C ILE A 225 4.16 4.33 -24.99
N TYR A 226 4.38 4.48 -26.30
CA TYR A 226 5.63 4.07 -26.91
C TYR A 226 6.61 5.23 -26.88
N LYS A 227 7.88 4.92 -26.69
CA LYS A 227 8.97 5.88 -26.78
C LYS A 227 9.93 5.44 -27.86
N LYS A 228 10.45 6.39 -28.62
CA LYS A 228 11.48 6.07 -29.59
C LYS A 228 12.73 5.60 -28.85
N THR A 229 13.34 4.55 -29.37
CA THR A 229 14.44 3.87 -28.66
C THR A 229 15.82 4.48 -28.91
N ASP A 283 11.78 24.62 -3.52
CA ASP A 283 12.13 24.09 -2.21
C ASP A 283 13.03 22.84 -2.35
N ASP A 284 14.29 23.07 -2.72
CA ASP A 284 15.28 22.00 -2.76
C ASP A 284 15.70 21.55 -1.37
N GLU A 285 15.28 22.27 -0.32
CA GLU A 285 15.62 21.87 1.04
C GLU A 285 15.11 20.47 1.35
N GLU A 286 13.88 20.17 0.93
CA GLU A 286 13.28 18.87 1.19
C GLU A 286 13.95 17.75 0.42
N GLU A 287 14.72 18.07 -0.63
CA GLU A 287 15.47 17.04 -1.34
C GLU A 287 16.49 16.37 -0.43
N ASP A 288 17.19 17.15 0.38
CA ASP A 288 18.23 16.56 1.22
C ASP A 288 17.66 15.83 2.44
N ASP A 289 16.55 16.32 2.99
CA ASP A 289 15.94 15.65 4.14
C ASP A 289 15.53 14.23 3.77
N PHE A 290 15.08 14.01 2.53
CA PHE A 290 14.79 12.66 2.08
C PHE A 290 16.02 11.77 2.18
N VAL A 291 17.18 12.28 1.78
CA VAL A 291 18.40 11.49 1.83
C VAL A 291 18.76 11.12 3.26
N TYR A 292 18.64 12.09 4.19
CA TYR A 292 19.00 11.80 5.58
C TYR A 292 18.12 10.68 6.14
N PHE A 293 16.81 10.73 5.88
CA PHE A 293 15.91 9.74 6.43
C PHE A 293 16.11 8.36 5.82
N ASN A 294 16.90 8.22 4.76
CA ASN A 294 17.21 6.94 4.17
C ASN A 294 18.59 6.42 4.57
N PHE A 295 19.19 7.00 5.61
CA PHE A 295 20.54 6.64 6.03
C PHE A 295 20.67 5.19 6.49
N ASN A 296 19.58 4.44 6.62
CA ASN A 296 19.67 3.08 7.18
C ASN A 296 19.08 2.03 6.24
N LYS A 304 18.48 -8.97 -2.13
CA LYS A 304 19.16 -9.88 -1.21
C LYS A 304 19.40 -11.26 -1.82
N ASN A 305 18.69 -11.56 -2.90
CA ASN A 305 18.69 -12.90 -3.47
C ASN A 305 19.44 -12.92 -4.79
N SER A 306 19.97 -14.10 -5.14
CA SER A 306 20.84 -14.29 -6.31
C SER A 306 20.00 -14.39 -7.58
N ILE A 307 19.19 -13.36 -7.78
CA ILE A 307 18.45 -13.13 -9.01
C ILE A 307 19.02 -11.85 -9.63
N HIS A 308 19.12 -11.84 -11.00
CA HIS A 308 20.00 -10.84 -11.61
C HIS A 308 19.20 -9.68 -12.21
N PRO A 309 19.81 -8.47 -12.25
CA PRO A 309 19.10 -7.30 -12.78
C PRO A 309 18.72 -7.46 -14.24
N ASN A 310 19.72 -7.75 -15.08
CA ASN A 310 19.51 -7.92 -16.52
C ASN A 310 18.37 -8.87 -16.85
N ASP A 311 17.95 -9.71 -15.89
CA ASP A 311 16.85 -10.65 -16.13
C ASP A 311 15.47 -10.00 -16.14
N PHE A 312 15.37 -8.71 -15.80
CA PHE A 312 14.11 -7.99 -15.76
C PHE A 312 14.19 -6.69 -16.54
N GLN A 313 14.90 -6.71 -17.67
CA GLN A 313 15.12 -5.48 -18.43
C GLN A 313 13.80 -4.83 -18.84
N ILE A 314 12.89 -5.60 -19.43
CA ILE A 314 11.61 -5.02 -19.84
C ILE A 314 10.85 -4.51 -18.62
N TYR A 315 10.75 -5.34 -17.59
CA TYR A 315 9.93 -4.99 -16.42
C TYR A 315 10.43 -3.71 -15.75
N ASN A 316 11.75 -3.54 -15.63
CA ASN A 316 12.27 -2.37 -14.93
C ASN A 316 12.47 -1.17 -15.84
N SER A 317 12.46 -1.35 -17.15
CA SER A 317 12.51 -0.22 -18.08
C SER A 317 11.21 0.58 -18.09
N LEU A 318 10.08 -0.05 -17.75
CA LEU A 318 8.80 0.64 -17.73
C LEU A 318 8.79 1.74 -16.69
N LYS A 319 8.29 2.91 -17.10
CA LYS A 319 8.19 4.08 -16.22
C LYS A 319 6.95 4.01 -15.35
N TYR A 320 5.78 3.94 -15.97
CA TYR A 320 4.52 3.92 -15.26
C TYR A 320 3.85 2.56 -15.47
N LYS A 321 3.59 1.86 -14.37
CA LYS A 321 3.03 0.51 -14.41
C LYS A 321 1.72 0.54 -13.67
N TYR A 322 0.68 1.03 -14.33
CA TYR A 322 -0.59 1.26 -13.68
C TYR A 322 -1.62 0.19 -14.02
N HIS A 323 -1.35 -0.67 -14.98
CA HIS A 323 -2.25 -1.77 -15.29
C HIS A 323 -2.44 -2.66 -14.05
N PRO A 324 -3.68 -3.02 -13.71
CA PRO A 324 -3.90 -3.79 -12.46
C PRO A 324 -3.17 -5.12 -12.40
N GLU A 325 -2.78 -5.69 -13.54
CA GLU A 325 -1.98 -6.90 -13.49
C GLU A 325 -0.64 -6.69 -12.78
N TYR A 326 -0.16 -5.44 -12.68
CA TYR A 326 1.10 -5.19 -11.98
C TYR A 326 0.98 -5.36 -10.48
N GLN A 327 -0.23 -5.35 -9.93
CA GLN A 327 -0.40 -5.75 -8.53
C GLN A 327 0.12 -7.16 -8.30
N TYR A 328 -0.15 -8.06 -9.23
CA TYR A 328 0.30 -9.42 -9.14
C TYR A 328 1.78 -9.54 -9.53
N LEU A 329 2.17 -8.95 -10.67
CA LEU A 329 3.57 -9.00 -11.09
C LEU A 329 4.50 -8.32 -10.08
N ASN A 330 4.05 -7.22 -9.45
CA ASN A 330 4.95 -6.55 -8.49
C ASN A 330 5.18 -7.40 -7.26
N ILE A 331 4.15 -8.14 -6.83
CA ILE A 331 4.31 -9.06 -5.70
C ILE A 331 5.26 -10.19 -6.05
N ILE A 332 5.16 -10.72 -7.27
CA ILE A 332 6.13 -11.71 -7.72
C ILE A 332 7.54 -11.13 -7.63
N TYR A 333 7.71 -9.94 -8.20
CA TYR A 333 9.02 -9.27 -8.15
C TYR A 333 9.45 -9.03 -6.72
N ASP A 334 8.52 -8.63 -5.86
CA ASP A 334 8.92 -8.38 -4.48
C ASP A 334 9.35 -9.67 -3.79
N ILE A 335 8.64 -10.77 -4.04
CA ILE A 335 9.04 -12.00 -3.38
C ILE A 335 10.40 -12.46 -3.89
N MET A 336 10.65 -12.32 -5.20
CA MET A 336 11.94 -12.72 -5.75
C MET A 336 13.08 -11.91 -5.15
N MET A 337 12.90 -10.60 -5.01
CA MET A 337 14.01 -9.76 -4.60
C MET A 337 14.19 -9.74 -3.09
N ASN A 338 13.12 -9.95 -2.33
CA ASN A 338 13.20 -9.82 -0.88
C ASN A 338 12.69 -11.02 -0.12
N GLY A 339 12.23 -12.07 -0.81
CA GLY A 339 11.63 -13.19 -0.13
C GLY A 339 12.60 -13.96 0.74
N ASN A 340 12.03 -14.66 1.70
CA ASN A 340 12.82 -15.49 2.58
C ASN A 340 12.89 -16.91 2.01
N LYS A 341 14.09 -17.49 2.07
CA LYS A 341 14.32 -18.85 1.57
C LYS A 341 13.83 -19.83 2.61
N GLN A 342 12.84 -20.66 2.27
CA GLN A 342 12.29 -21.59 3.23
C GLN A 342 11.99 -22.92 2.57
N SER A 343 12.05 -23.97 3.38
CA SER A 343 11.50 -25.26 2.97
C SER A 343 9.98 -25.20 3.10
N ASP A 344 9.31 -26.25 2.66
CA ASP A 344 7.89 -26.31 2.90
C ASP A 344 7.46 -27.76 2.94
N ARG A 345 6.14 -27.95 3.00
CA ARG A 345 5.53 -29.26 3.18
C ARG A 345 5.89 -30.20 2.02
N THR A 346 5.90 -29.67 0.79
CA THR A 346 6.29 -30.43 -0.39
C THR A 346 7.80 -30.68 -0.48
N GLY A 347 8.61 -29.87 0.20
CA GLY A 347 10.06 -29.96 0.08
C GLY A 347 10.67 -29.26 -1.12
N VAL A 348 9.83 -28.71 -2.01
CA VAL A 348 10.35 -28.01 -3.19
C VAL A 348 11.26 -26.86 -2.78
N GLY A 349 10.92 -26.16 -1.72
CA GLY A 349 11.60 -24.92 -1.43
C GLY A 349 10.89 -23.73 -2.07
N VAL A 350 10.84 -22.62 -1.35
CA VAL A 350 10.13 -21.43 -1.80
C VAL A 350 10.91 -20.20 -1.37
N LEU A 351 10.57 -19.08 -2.00
CA LEU A 351 10.78 -17.75 -1.43
C LEU A 351 9.43 -17.27 -0.95
N SER A 352 9.37 -16.74 0.27
CA SER A 352 8.09 -16.40 0.87
C SER A 352 8.15 -15.02 1.52
N LYS A 353 6.99 -14.38 1.56
CA LYS A 353 6.72 -13.17 2.33
C LYS A 353 5.36 -13.34 3.01
N PHE A 354 4.98 -12.34 3.83
CA PHE A 354 3.84 -12.47 4.73
C PHE A 354 3.04 -11.16 4.69
N GLY A 355 1.85 -11.20 4.10
CA GLY A 355 0.94 -10.07 4.14
C GLY A 355 0.97 -9.16 2.91
N TYR A 356 0.06 -9.40 1.97
CA TYR A 356 -0.10 -8.57 0.79
C TYR A 356 -1.58 -8.32 0.56
N ILE A 357 -1.88 -7.27 -0.19
CA ILE A 357 -3.26 -7.00 -0.56
C ILE A 357 -3.30 -6.50 -1.99
N MET A 358 -4.19 -7.08 -2.79
CA MET A 358 -4.49 -6.62 -4.14
C MET A 358 -5.95 -6.20 -4.20
N LYS A 359 -6.24 -5.18 -5.00
CA LYS A 359 -7.62 -4.73 -5.22
C LYS A 359 -7.89 -4.66 -6.71
N PHE A 360 -9.02 -5.22 -7.14
CA PHE A 360 -9.37 -5.27 -8.55
C PHE A 360 -10.77 -4.68 -8.71
N ASP A 361 -10.94 -3.79 -9.68
CA ASP A 361 -12.18 -3.06 -9.87
C ASP A 361 -13.00 -3.80 -10.92
N LEU A 362 -13.87 -4.71 -10.46
CA LEU A 362 -14.70 -5.51 -11.35
C LEU A 362 -15.71 -4.69 -12.13
N SER A 363 -16.03 -3.46 -11.69
CA SER A 363 -16.87 -2.62 -12.53
C SER A 363 -16.14 -2.16 -13.78
N GLN A 364 -14.80 -2.23 -13.82
CA GLN A 364 -14.03 -1.74 -14.96
C GLN A 364 -13.40 -2.82 -15.83
N TYR A 365 -13.22 -4.04 -15.33
CA TYR A 365 -12.55 -5.11 -16.09
C TYR A 365 -12.73 -6.43 -15.35
N PHE A 366 -12.54 -7.55 -16.07
CA PHE A 366 -12.40 -8.83 -15.40
C PHE A 366 -10.92 -9.17 -15.29
N PRO A 367 -10.35 -9.31 -14.08
CA PRO A 367 -8.88 -9.40 -13.93
C PRO A 367 -8.33 -10.80 -14.19
N LEU A 368 -8.53 -11.27 -15.40
CA LEU A 368 -7.91 -12.51 -15.85
C LEU A 368 -6.51 -12.17 -16.39
N LEU A 369 -5.49 -12.78 -15.81
CA LEU A 369 -4.12 -12.42 -16.18
C LEU A 369 -3.89 -12.58 -17.68
N THR A 370 -3.17 -11.62 -18.26
CA THR A 370 -2.88 -11.61 -19.68
C THR A 370 -1.42 -11.91 -20.00
N THR A 371 -0.55 -11.95 -18.99
CA THR A 371 0.85 -12.21 -19.30
C THR A 371 1.10 -13.69 -19.47
N LYS A 372 0.07 -14.50 -19.36
CA LYS A 372 0.13 -15.90 -19.74
C LYS A 372 -1.31 -16.33 -19.98
N LYS A 373 -1.47 -17.48 -20.61
CA LYS A 373 -2.81 -17.94 -20.98
C LYS A 373 -3.45 -18.70 -19.83
N LEU A 374 -4.73 -18.42 -19.58
CA LEU A 374 -5.53 -19.08 -18.55
C LEU A 374 -6.86 -19.51 -19.13
N PHE A 375 -7.32 -20.73 -18.80
CA PHE A 375 -8.68 -21.17 -19.12
C PHE A 375 -9.51 -21.20 -17.84
N LEU A 376 -10.79 -20.90 -17.96
CA LEU A 376 -11.66 -20.77 -16.79
C LEU A 376 -12.71 -21.85 -16.65
N ARG A 377 -12.80 -22.81 -17.58
CA ARG A 377 -13.88 -23.79 -17.50
C ARG A 377 -13.78 -24.62 -16.22
N GLY A 378 -12.57 -25.05 -15.87
CA GLY A 378 -12.40 -25.85 -14.65
C GLY A 378 -12.76 -25.09 -13.40
N ILE A 379 -12.21 -23.88 -13.24
CA ILE A 379 -12.48 -23.18 -11.97
C ILE A 379 -13.93 -22.74 -11.87
N ILE A 380 -14.65 -22.64 -13.00
CA ILE A 380 -16.08 -22.34 -12.94
C ILE A 380 -16.87 -23.59 -12.52
N GLU A 381 -16.55 -24.74 -13.12
CA GLU A 381 -17.15 -25.99 -12.66
C GLU A 381 -16.86 -26.20 -11.17
N GLU A 382 -15.62 -25.93 -10.76
CA GLU A 382 -15.27 -26.04 -9.34
C GLU A 382 -16.17 -25.17 -8.49
N LEU A 383 -16.32 -23.90 -8.87
CA LEU A 383 -17.13 -22.97 -8.10
C LEU A 383 -18.59 -23.41 -8.05
N LEU A 384 -19.13 -23.87 -9.18
CA LEU A 384 -20.50 -24.40 -9.17
C LEU A 384 -20.58 -25.66 -8.30
N TRP A 385 -19.55 -26.48 -8.31
CA TRP A 385 -19.51 -27.67 -7.47
C TRP A 385 -19.46 -27.29 -5.99
N PHE A 386 -18.70 -26.23 -5.63
CA PHE A 386 -18.78 -25.67 -4.29
C PHE A 386 -20.22 -25.32 -3.93
N ILE A 387 -20.88 -24.55 -4.78
CA ILE A 387 -22.19 -23.99 -4.45
C ILE A 387 -23.20 -25.11 -4.27
N ARG A 388 -23.07 -26.20 -5.02
CA ARG A 388 -23.96 -27.33 -4.79
C ARG A 388 -23.68 -28.07 -3.47
N GLY A 389 -22.69 -27.65 -2.68
CA GLY A 389 -22.34 -28.36 -1.47
C GLY A 389 -21.59 -29.66 -1.68
N GLU A 390 -21.09 -29.92 -2.89
CA GLU A 390 -20.53 -31.22 -3.19
C GLU A 390 -19.13 -31.39 -2.63
N THR A 391 -18.83 -32.64 -2.30
CA THR A 391 -17.50 -33.05 -1.91
C THR A 391 -17.03 -34.25 -2.73
N ASN A 392 -17.80 -34.65 -3.74
CA ASN A 392 -17.49 -35.83 -4.52
C ASN A 392 -16.55 -35.44 -5.66
N GLY A 393 -15.29 -35.89 -5.57
CA GLY A 393 -14.32 -35.54 -6.59
C GLY A 393 -14.62 -36.13 -7.95
N ASN A 394 -15.35 -37.26 -7.98
CA ASN A 394 -15.66 -37.87 -9.27
C ASN A 394 -16.52 -36.96 -10.14
N THR A 395 -17.35 -36.11 -9.54
CA THR A 395 -18.18 -35.19 -10.31
C THR A 395 -17.32 -34.28 -11.18
N LEU A 396 -16.24 -33.74 -10.61
CA LEU A 396 -15.35 -32.89 -11.39
C LEU A 396 -14.65 -33.71 -12.47
N LEU A 397 -14.11 -34.87 -12.08
CA LEU A 397 -13.34 -35.67 -13.02
C LEU A 397 -14.18 -36.13 -14.21
N ASN A 398 -15.49 -36.31 -14.00
CA ASN A 398 -16.40 -36.66 -15.09
C ASN A 398 -16.65 -35.49 -16.03
N LYS A 399 -16.35 -34.26 -15.60
CA LYS A 399 -16.33 -33.08 -16.46
C LYS A 399 -14.92 -32.81 -16.99
N ASN A 400 -14.01 -33.76 -16.83
CA ASN A 400 -12.60 -33.60 -17.18
C ASN A 400 -11.98 -32.37 -16.50
N VAL A 401 -12.37 -32.14 -15.25
CA VAL A 401 -11.76 -31.09 -14.42
C VAL A 401 -10.94 -31.79 -13.35
N ARG A 402 -9.62 -31.65 -13.43
CA ARG A 402 -8.70 -32.47 -12.65
C ARG A 402 -8.09 -31.71 -11.49
N ILE A 403 -8.67 -30.59 -11.09
CA ILE A 403 -8.06 -29.74 -10.07
C ILE A 403 -7.80 -30.51 -8.79
N TRP A 404 -8.76 -31.35 -8.37
CA TRP A 404 -8.72 -32.05 -7.09
C TRP A 404 -8.30 -33.51 -7.21
N GLU A 405 -7.89 -33.97 -8.40
CA GLU A 405 -7.60 -35.38 -8.57
C GLU A 405 -6.45 -35.87 -7.67
N ALA A 406 -5.37 -35.09 -7.57
CA ALA A 406 -4.21 -35.56 -6.78
C ALA A 406 -4.55 -35.64 -5.31
N ASN A 407 -5.49 -34.85 -4.84
CA ASN A 407 -5.88 -34.82 -3.44
C ASN A 407 -6.93 -35.87 -3.11
N GLY A 408 -7.35 -36.65 -4.10
CA GLY A 408 -8.34 -37.69 -3.89
C GLY A 408 -7.81 -39.10 -3.92
N THR A 409 -6.51 -39.29 -4.18
CA THR A 409 -6.01 -40.63 -4.42
C THR A 409 -5.91 -41.41 -3.13
N ARG A 410 -5.92 -42.74 -3.28
CA ARG A 410 -5.73 -43.63 -2.13
C ARG A 410 -4.47 -43.23 -1.36
N GLU A 411 -3.36 -43.01 -2.08
CA GLU A 411 -2.10 -42.70 -1.42
C GLU A 411 -2.16 -41.35 -0.73
N PHE A 412 -2.75 -40.35 -1.39
CA PHE A 412 -2.88 -39.05 -0.77
C PHE A 412 -3.78 -39.13 0.45
N LEU A 413 -4.93 -39.81 0.31
CA LEU A 413 -5.83 -39.95 1.45
C LEU A 413 -5.17 -40.71 2.60
N ASP A 414 -4.44 -41.79 2.29
CA ASP A 414 -3.74 -42.52 3.36
C ASP A 414 -2.68 -41.65 4.04
N ASN A 415 -1.93 -40.87 3.28
CA ASN A 415 -0.89 -40.08 3.92
C ASN A 415 -1.49 -38.97 4.79
N ARG A 416 -2.76 -38.64 4.58
CA ARG A 416 -3.57 -37.80 5.47
C ARG A 416 -4.21 -38.56 6.62
N LYS A 417 -3.88 -39.85 6.79
CA LYS A 417 -4.49 -40.73 7.79
C LYS A 417 -6.00 -40.93 7.54
N LEU A 418 -6.46 -40.73 6.31
CA LEU A 418 -7.88 -40.95 6.01
C LEU A 418 -8.07 -42.36 5.43
N PHE A 419 -7.74 -43.35 6.26
CA PHE A 419 -7.76 -44.74 5.82
C PHE A 419 -9.16 -45.22 5.53
N HIS A 420 -10.18 -44.70 6.25
CA HIS A 420 -11.56 -45.10 6.02
C HIS A 420 -12.30 -44.16 5.07
N ARG A 421 -11.59 -43.52 4.15
CA ARG A 421 -12.18 -42.60 3.20
C ARG A 421 -12.08 -43.16 1.79
N GLU A 422 -13.20 -43.25 1.08
CA GLU A 422 -13.19 -43.72 -0.30
C GLU A 422 -12.42 -42.75 -1.21
N VAL A 423 -11.76 -43.30 -2.23
CA VAL A 423 -11.00 -42.50 -3.18
C VAL A 423 -11.90 -41.42 -3.78
N ASN A 424 -11.35 -40.20 -3.86
CA ASN A 424 -12.03 -39.00 -4.34
C ASN A 424 -13.14 -38.50 -3.43
N ASP A 425 -13.30 -39.05 -2.23
CA ASP A 425 -14.20 -38.43 -1.26
C ASP A 425 -13.37 -37.42 -0.49
N LEU A 426 -13.52 -36.15 -0.82
CA LEU A 426 -12.59 -35.14 -0.30
C LEU A 426 -12.85 -34.76 1.14
N GLY A 427 -13.94 -35.23 1.75
CA GLY A 427 -14.26 -34.88 3.11
C GLY A 427 -14.95 -33.54 3.15
N PRO A 428 -15.10 -32.97 4.37
CA PRO A 428 -15.90 -31.72 4.56
C PRO A 428 -15.14 -30.46 4.17
N ILE A 429 -14.95 -30.30 2.87
CA ILE A 429 -14.17 -29.22 2.29
C ILE A 429 -15.16 -28.17 1.84
N TYR A 430 -14.68 -27.12 1.16
CA TYR A 430 -15.43 -25.89 0.89
C TYR A 430 -16.92 -26.06 0.72
N GLY A 431 -17.34 -26.89 -0.25
CA GLY A 431 -18.76 -27.00 -0.53
C GLY A 431 -19.57 -27.40 0.68
N PHE A 432 -19.07 -28.36 1.45
CA PHE A 432 -19.77 -28.83 2.64
C PHE A 432 -19.82 -27.75 3.71
N GLN A 433 -18.72 -27.00 3.88
CA GLN A 433 -18.69 -25.92 4.86
C GLN A 433 -19.59 -24.75 4.47
N TRP A 434 -19.68 -24.44 3.15
CA TRP A 434 -20.55 -23.36 2.68
C TRP A 434 -22.02 -23.67 2.93
N ARG A 435 -22.42 -24.91 2.73
CA ARG A 435 -23.82 -25.26 2.86
C ARG A 435 -24.15 -26.00 4.16
N HIS A 436 -23.18 -26.56 4.89
CA HIS A 436 -23.53 -27.42 6.01
C HIS A 436 -22.60 -27.29 7.20
N PHE A 437 -22.02 -26.10 7.44
CA PHE A 437 -21.03 -25.95 8.48
C PHE A 437 -21.56 -26.46 9.80
N GLY A 438 -20.81 -27.38 10.42
CA GLY A 438 -21.13 -27.86 11.74
C GLY A 438 -21.87 -29.18 11.75
N ALA A 439 -22.36 -29.63 10.61
CA ALA A 439 -22.92 -30.97 10.50
C ALA A 439 -21.80 -31.98 10.54
N GLU A 440 -22.10 -33.18 11.04
CA GLU A 440 -21.09 -34.23 11.03
C GLU A 440 -20.99 -34.80 9.61
N TYR A 441 -19.78 -34.84 9.08
CA TYR A 441 -19.58 -35.40 7.76
C TYR A 441 -19.59 -36.92 7.85
N THR A 442 -20.29 -37.57 6.92
CA THR A 442 -20.28 -39.02 6.84
C THR A 442 -19.55 -39.49 5.59
N ASN A 443 -20.09 -39.23 4.39
CA ASN A 443 -19.43 -39.59 3.13
C ASN A 443 -19.97 -38.66 2.06
N MET A 444 -19.31 -38.68 0.89
CA MET A 444 -19.65 -37.76 -0.18
C MET A 444 -21.03 -38.01 -0.78
N TYR A 445 -21.67 -39.13 -0.46
CA TYR A 445 -22.98 -39.47 -1.02
C TYR A 445 -24.15 -39.10 -0.11
N ASP A 446 -23.91 -38.66 1.11
CA ASP A 446 -25.03 -38.44 2.01
C ASP A 446 -25.84 -37.23 1.54
N ASN A 447 -27.10 -37.21 1.94
CA ASN A 447 -27.91 -36.01 1.76
C ASN A 447 -27.89 -35.24 3.07
N TYR A 448 -27.27 -34.06 3.05
CA TYR A 448 -27.13 -33.28 4.27
C TYR A 448 -28.20 -32.21 4.43
N GLU A 449 -29.25 -32.25 3.59
CA GLU A 449 -30.36 -31.31 3.61
C GLU A 449 -30.78 -30.94 5.03
N ASN A 450 -30.74 -29.63 5.30
CA ASN A 450 -31.13 -29.05 6.58
C ASN A 450 -30.26 -29.52 7.74
N LYS A 451 -29.01 -29.86 7.46
CA LYS A 451 -28.03 -30.13 8.50
C LYS A 451 -26.94 -29.07 8.43
N GLY A 452 -26.52 -28.60 9.60
CA GLY A 452 -25.47 -27.61 9.66
C GLY A 452 -25.95 -26.25 9.16
N VAL A 453 -25.04 -25.29 9.22
CA VAL A 453 -25.37 -23.91 8.91
C VAL A 453 -25.17 -23.68 7.42
N ASP A 454 -26.23 -23.25 6.74
CA ASP A 454 -26.16 -22.88 5.32
C ASP A 454 -25.69 -21.43 5.22
N GLN A 455 -24.37 -21.24 5.35
CA GLN A 455 -23.89 -19.87 5.43
C GLN A 455 -24.01 -19.17 4.09
N LEU A 456 -23.98 -19.92 3.00
CA LEU A 456 -24.15 -19.28 1.70
C LEU A 456 -25.51 -18.61 1.59
N LYS A 457 -26.58 -19.33 1.95
CA LYS A 457 -27.90 -18.71 1.95
C LYS A 457 -27.93 -17.54 2.93
N ASN A 458 -27.26 -17.67 4.07
CA ASN A 458 -27.29 -16.63 5.08
C ASN A 458 -26.65 -15.34 4.58
N ILE A 459 -25.48 -15.44 3.91
CA ILE A 459 -24.84 -14.19 3.49
C ILE A 459 -25.65 -13.54 2.37
N ILE A 460 -26.27 -14.34 1.50
CA ILE A 460 -27.13 -13.76 0.48
C ILE A 460 -28.27 -13.00 1.15
N ASN A 461 -28.86 -13.57 2.20
CA ASN A 461 -29.96 -12.89 2.88
C ASN A 461 -29.51 -11.63 3.59
N LEU A 462 -28.33 -11.66 4.22
CA LEU A 462 -27.81 -10.46 4.87
C LEU A 462 -27.57 -9.34 3.86
N ILE A 463 -27.02 -9.67 2.69
CA ILE A 463 -26.75 -8.66 1.69
C ILE A 463 -28.05 -8.04 1.20
N LYS A 464 -29.06 -8.87 0.93
CA LYS A 464 -30.35 -8.37 0.48
C LYS A 464 -31.02 -7.49 1.53
N ASN A 465 -31.00 -7.94 2.79
CA ASN A 465 -31.89 -7.39 3.79
C ASN A 465 -31.19 -6.63 4.89
N ASP A 466 -29.88 -6.80 5.03
CA ASP A 466 -29.12 -6.09 6.07
C ASP A 466 -27.81 -5.60 5.48
N PRO A 467 -27.86 -4.81 4.40
CA PRO A 467 -26.63 -4.55 3.61
C PRO A 467 -25.52 -3.87 4.40
N THR A 468 -25.82 -3.12 5.45
CA THR A 468 -24.78 -2.45 6.22
C THR A 468 -24.20 -3.32 7.35
N SER A 469 -24.56 -4.61 7.38
CA SER A 469 -23.97 -5.54 8.33
C SER A 469 -22.47 -5.66 8.12
N ARG A 470 -21.74 -5.70 9.23
CA ARG A 470 -20.32 -6.02 9.22
C ARG A 470 -20.08 -7.48 9.57
N ARG A 471 -21.09 -8.32 9.40
CA ARG A 471 -21.03 -9.72 9.77
C ARG A 471 -21.28 -10.61 8.58
N ILE A 472 -21.14 -10.08 7.37
CA ILE A 472 -21.49 -10.82 6.15
C ILE A 472 -20.21 -11.56 5.75
N LEU A 473 -20.02 -12.73 6.37
CA LEU A 473 -18.79 -13.50 6.19
C LEU A 473 -19.12 -14.95 5.90
N LEU A 474 -18.34 -15.53 5.01
CA LEU A 474 -18.45 -16.91 4.57
C LEU A 474 -17.12 -17.56 4.91
N CYS A 475 -17.13 -18.60 5.74
CA CYS A 475 -15.89 -19.14 6.28
C CYS A 475 -15.77 -20.63 5.98
N ALA A 476 -14.66 -21.01 5.36
CA ALA A 476 -14.42 -22.40 5.04
C ALA A 476 -13.50 -23.09 6.05
N TRP A 477 -12.84 -22.33 6.91
CA TRP A 477 -11.87 -22.85 7.86
C TRP A 477 -12.62 -23.35 9.08
N ASN A 478 -13.08 -24.59 9.01
CA ASN A 478 -13.81 -25.19 10.13
C ASN A 478 -12.81 -25.98 10.96
N VAL A 479 -12.46 -25.41 12.11
CA VAL A 479 -11.38 -25.93 12.95
C VAL A 479 -11.62 -27.38 13.34
N LYS A 480 -12.88 -27.72 13.64
CA LYS A 480 -13.24 -29.07 14.04
C LYS A 480 -12.97 -30.07 12.93
N ASP A 481 -13.25 -29.69 11.68
CA ASP A 481 -13.26 -30.61 10.56
C ASP A 481 -11.95 -30.68 9.79
N LEU A 482 -10.93 -29.90 10.16
CA LEU A 482 -9.76 -29.76 9.30
C LEU A 482 -9.12 -31.11 8.99
N ASP A 483 -8.91 -31.96 10.01
CA ASP A 483 -8.19 -33.20 9.79
C ASP A 483 -8.98 -34.20 8.97
N GLN A 484 -10.30 -34.03 8.85
CA GLN A 484 -11.11 -34.85 7.96
C GLN A 484 -11.07 -34.36 6.52
N MET A 485 -10.60 -33.13 6.29
CA MET A 485 -10.50 -32.63 4.93
C MET A 485 -9.29 -33.23 4.20
N ALA A 486 -9.50 -33.56 2.92
CA ALA A 486 -8.39 -33.95 2.06
C ALA A 486 -7.21 -33.00 2.24
N LEU A 487 -7.48 -31.70 2.30
CA LEU A 487 -6.50 -30.76 2.79
C LEU A 487 -7.24 -29.54 3.33
N PRO A 488 -6.63 -28.79 4.25
CA PRO A 488 -7.30 -27.61 4.79
C PRO A 488 -7.40 -26.51 3.76
N PRO A 489 -8.47 -25.72 3.77
CA PRO A 489 -8.64 -24.70 2.73
C PRO A 489 -7.53 -23.65 2.77
N CYS A 490 -7.17 -23.14 1.60
CA CYS A 490 -6.32 -21.97 1.49
C CYS A 490 -7.10 -20.67 1.58
N HIS A 491 -8.33 -20.68 1.07
CA HIS A 491 -9.20 -19.51 1.00
C HIS A 491 -10.03 -19.52 2.26
N ILE A 492 -9.55 -18.80 3.27
CA ILE A 492 -10.12 -18.91 4.61
C ILE A 492 -11.54 -18.36 4.65
N LEU A 493 -11.73 -17.15 4.11
CA LEU A 493 -13.00 -16.45 4.33
C LEU A 493 -13.25 -15.46 3.19
N CYS A 494 -14.52 -15.15 3.00
CA CYS A 494 -14.97 -14.07 2.15
C CYS A 494 -15.74 -13.14 3.06
N GLN A 495 -15.45 -11.84 3.00
CA GLN A 495 -16.31 -10.86 3.64
C GLN A 495 -16.85 -9.92 2.56
N PHE A 496 -18.12 -9.53 2.70
CA PHE A 496 -18.75 -8.67 1.72
C PHE A 496 -19.07 -7.32 2.33
N TYR A 497 -19.26 -6.35 1.42
CA TYR A 497 -19.43 -4.94 1.74
C TYR A 497 -20.38 -4.37 0.70
N VAL A 498 -21.41 -3.67 1.16
CA VAL A 498 -22.40 -3.06 0.27
C VAL A 498 -22.42 -1.55 0.53
N PHE A 499 -22.25 -0.76 -0.53
CA PHE A 499 -22.50 0.66 -0.48
C PHE A 499 -23.11 1.10 -1.81
N ASP A 500 -24.17 1.93 -1.74
CA ASP A 500 -24.72 2.59 -2.92
C ASP A 500 -25.06 1.58 -4.02
N GLY A 501 -25.58 0.43 -3.61
CA GLY A 501 -26.04 -0.57 -4.57
C GLY A 501 -24.96 -1.36 -5.26
N LYS A 502 -23.74 -1.37 -4.69
CA LYS A 502 -22.57 -2.05 -5.25
C LYS A 502 -21.94 -2.94 -4.20
N LEU A 503 -21.40 -4.08 -4.62
CA LEU A 503 -20.95 -5.13 -3.73
C LEU A 503 -19.45 -5.35 -3.91
N SER A 504 -18.70 -5.29 -2.80
CA SER A 504 -17.28 -5.59 -2.76
C SER A 504 -17.04 -6.84 -1.94
N CYS A 505 -15.96 -7.55 -2.26
CA CYS A 505 -15.62 -8.80 -1.60
C CYS A 505 -14.14 -8.83 -1.21
N ILE A 506 -13.88 -9.15 0.06
CA ILE A 506 -12.53 -9.44 0.53
C ILE A 506 -12.43 -10.95 0.70
N MET A 507 -11.38 -11.55 0.12
CA MET A 507 -11.05 -12.93 0.42
C MET A 507 -9.66 -12.99 1.05
N TYR A 508 -9.54 -13.72 2.16
CA TYR A 508 -8.27 -13.90 2.86
C TYR A 508 -7.71 -15.28 2.50
N GLN A 509 -6.51 -15.29 1.93
CA GLN A 509 -5.88 -16.54 1.52
C GLN A 509 -4.69 -16.79 2.43
N ARG A 510 -4.73 -17.89 3.19
CA ARG A 510 -3.67 -18.20 4.14
C ARG A 510 -2.38 -18.64 3.44
N SER A 511 -2.49 -19.19 2.25
CA SER A 511 -1.31 -19.75 1.60
C SER A 511 -1.49 -19.60 0.10
N CYS A 512 -0.51 -18.98 -0.55
CA CYS A 512 -0.69 -18.44 -1.90
C CYS A 512 0.50 -18.86 -2.74
N ASP A 513 0.26 -19.81 -3.63
CA ASP A 513 1.19 -20.23 -4.66
C ASP A 513 1.11 -19.21 -5.77
N LEU A 514 2.00 -18.21 -5.72
CA LEU A 514 1.92 -17.07 -6.61
C LEU A 514 2.02 -17.51 -8.07
N GLY A 515 2.92 -18.47 -8.37
CA GLY A 515 3.11 -18.90 -9.74
C GLY A 515 1.94 -19.66 -10.35
N LEU A 516 1.31 -20.56 -9.58
CA LEU A 516 0.27 -21.44 -10.14
C LEU A 516 -1.14 -21.13 -9.66
N GLY A 517 -1.32 -20.92 -8.36
CA GLY A 517 -2.66 -20.89 -7.83
C GLY A 517 -3.31 -19.53 -7.81
N VAL A 518 -2.58 -18.49 -7.41
CA VAL A 518 -3.10 -17.12 -7.29
C VAL A 518 -3.76 -16.63 -8.57
N PRO A 519 -3.19 -16.85 -9.77
CA PRO A 519 -3.92 -16.41 -10.98
C PRO A 519 -5.31 -16.97 -11.06
N PHE A 520 -5.45 -18.28 -10.78
CA PHE A 520 -6.78 -18.91 -10.76
C PHE A 520 -7.63 -18.39 -9.60
N ASN A 521 -7.04 -18.25 -8.41
CA ASN A 521 -7.82 -17.80 -7.26
C ASN A 521 -8.41 -16.41 -7.48
N ILE A 522 -7.64 -15.50 -8.08
CA ILE A 522 -8.18 -14.19 -8.43
C ILE A 522 -9.41 -14.35 -9.31
N ALA A 523 -9.32 -15.23 -10.32
CA ALA A 523 -10.44 -15.40 -11.24
C ALA A 523 -11.66 -15.99 -10.53
N SER A 524 -11.44 -17.02 -9.69
CA SER A 524 -12.54 -17.71 -9.01
C SER A 524 -13.37 -16.74 -8.17
N TYR A 525 -12.72 -15.98 -7.28
CA TYR A 525 -13.47 -15.11 -6.40
C TYR A 525 -13.97 -13.85 -7.12
N SER A 526 -13.33 -13.45 -8.22
CA SER A 526 -13.93 -12.39 -9.04
C SER A 526 -15.25 -12.84 -9.64
N ILE A 527 -15.29 -14.06 -10.19
CA ILE A 527 -16.56 -14.60 -10.70
C ILE A 527 -17.57 -14.73 -9.56
N PHE A 528 -17.14 -15.27 -8.40
CA PHE A 528 -18.07 -15.44 -7.27
C PHE A 528 -18.68 -14.11 -6.86
N THR A 529 -17.87 -13.04 -6.87
CA THR A 529 -18.41 -11.72 -6.55
C THR A 529 -19.49 -11.30 -7.56
N HIS A 530 -19.28 -11.54 -8.86
CA HIS A 530 -20.33 -11.23 -9.83
C HIS A 530 -21.59 -12.05 -9.57
N MET A 531 -21.43 -13.35 -9.29
CA MET A 531 -22.61 -14.17 -9.08
C MET A 531 -23.38 -13.71 -7.85
N ILE A 532 -22.69 -13.37 -6.76
CA ILE A 532 -23.42 -12.94 -5.57
C ILE A 532 -24.08 -11.58 -5.81
N ALA A 533 -23.36 -10.65 -6.45
CA ALA A 533 -23.94 -9.34 -6.71
C ALA A 533 -25.20 -9.45 -7.55
N GLN A 534 -25.16 -10.28 -8.60
CA GLN A 534 -26.31 -10.34 -9.48
C GLN A 534 -27.54 -10.89 -8.79
N VAL A 535 -27.40 -12.00 -8.06
CA VAL A 535 -28.58 -12.57 -7.42
C VAL A 535 -29.04 -11.74 -6.23
N CYS A 536 -28.27 -10.74 -5.83
CA CYS A 536 -28.72 -9.78 -4.82
C CYS A 536 -29.15 -8.44 -5.41
N ASN A 537 -29.16 -8.31 -6.75
CA ASN A 537 -29.59 -7.09 -7.45
C ASN A 537 -28.65 -5.93 -7.14
N LEU A 538 -27.35 -6.22 -7.20
CA LEU A 538 -26.30 -5.24 -6.97
C LEU A 538 -25.31 -5.27 -8.13
N GLN A 539 -24.47 -4.25 -8.20
CA GLN A 539 -23.37 -4.32 -9.18
C GLN A 539 -22.07 -4.66 -8.47
N PRO A 540 -21.20 -5.44 -9.12
CA PRO A 540 -19.90 -5.73 -8.53
C PRO A 540 -19.04 -4.49 -8.51
N ALA A 541 -18.33 -4.29 -7.39
CA ALA A 541 -17.36 -3.22 -7.41
C ALA A 541 -15.91 -3.70 -7.26
N GLN A 542 -15.48 -4.04 -6.06
CA GLN A 542 -14.09 -4.43 -5.85
C GLN A 542 -14.01 -5.89 -5.42
N PHE A 543 -13.05 -6.59 -5.99
CA PHE A 543 -12.55 -7.81 -5.41
C PHE A 543 -11.22 -7.48 -4.78
N ILE A 544 -11.08 -7.84 -3.51
CA ILE A 544 -9.93 -7.49 -2.69
C ILE A 544 -9.33 -8.80 -2.17
N HIS A 545 -8.05 -9.00 -2.43
CA HIS A 545 -7.40 -10.28 -2.24
C HIS A 545 -6.30 -10.05 -1.20
N VAL A 546 -6.49 -10.60 0.01
CA VAL A 546 -5.49 -10.50 1.06
C VAL A 546 -4.69 -11.80 1.09
N LEU A 547 -3.37 -11.68 0.92
CA LEU A 547 -2.47 -12.82 0.92
C LEU A 547 -1.78 -12.91 2.27
N GLY A 548 -1.81 -14.10 2.85
CA GLY A 548 -1.06 -14.38 4.06
C GLY A 548 0.34 -14.88 3.76
N ASN A 549 0.55 -16.19 3.81
CA ASN A 549 1.85 -16.73 3.42
C ASN A 549 1.91 -16.74 1.89
N ALA A 550 2.64 -15.80 1.31
CA ALA A 550 2.72 -15.66 -0.13
C ALA A 550 4.09 -16.17 -0.56
N HIS A 551 4.10 -17.18 -1.43
CA HIS A 551 5.36 -17.81 -1.75
C HIS A 551 5.45 -18.07 -3.25
N VAL A 552 6.70 -18.08 -3.72
CA VAL A 552 7.05 -18.48 -5.07
C VAL A 552 7.90 -19.75 -4.97
N TYR A 553 7.46 -20.83 -5.61
CA TYR A 553 8.24 -22.06 -5.62
C TYR A 553 9.50 -21.89 -6.46
N ASN A 554 10.61 -22.43 -5.93
CA ASN A 554 11.90 -22.31 -6.62
C ASN A 554 11.82 -22.81 -8.05
N ASN A 555 11.10 -23.91 -8.28
CA ASN A 555 11.00 -24.41 -9.65
C ASN A 555 10.09 -23.57 -10.55
N HIS A 556 9.50 -22.48 -10.04
CA HIS A 556 8.75 -21.58 -10.91
C HIS A 556 9.56 -20.37 -11.34
N ILE A 557 10.74 -20.15 -10.75
CA ILE A 557 11.41 -18.85 -10.86
C ILE A 557 11.75 -18.52 -12.31
N ASP A 558 12.31 -19.48 -13.06
CA ASP A 558 12.71 -19.17 -14.42
C ASP A 558 11.49 -18.82 -15.28
N SER A 559 10.39 -19.55 -15.10
CA SER A 559 9.18 -19.23 -15.87
C SER A 559 8.63 -17.87 -15.48
N LEU A 560 8.66 -17.52 -14.19
CA LEU A 560 8.13 -16.23 -13.78
C LEU A 560 9.00 -15.08 -14.25
N LYS A 561 10.32 -15.32 -14.40
CA LYS A 561 11.18 -14.29 -14.97
C LYS A 561 10.73 -13.95 -16.39
N ILE A 562 10.41 -14.97 -17.18
CA ILE A 562 9.83 -14.74 -18.51
C ILE A 562 8.55 -13.91 -18.40
N GLN A 563 7.67 -14.26 -17.46
CA GLN A 563 6.35 -13.64 -17.41
C GLN A 563 6.44 -12.17 -17.03
N LEU A 564 7.35 -11.83 -16.12
CA LEU A 564 7.47 -10.45 -15.66
C LEU A 564 7.97 -9.52 -16.74
N ASN A 565 8.57 -10.05 -17.79
CA ASN A 565 9.04 -9.24 -18.90
C ASN A 565 8.03 -9.19 -20.02
N ARG A 566 6.81 -9.64 -19.77
CA ARG A 566 5.72 -9.43 -20.69
C ARG A 566 4.89 -8.23 -20.24
N ILE A 567 4.31 -7.54 -21.19
CA ILE A 567 3.52 -6.34 -20.94
C ILE A 567 2.05 -6.73 -21.00
N PRO A 568 1.29 -6.54 -19.93
CA PRO A 568 -0.12 -6.95 -19.94
C PRO A 568 -0.88 -6.30 -21.09
N TYR A 569 -1.89 -6.99 -21.54
CA TYR A 569 -2.92 -6.50 -22.43
C TYR A 569 -4.11 -5.99 -21.63
N PRO A 570 -4.97 -5.16 -22.24
CA PRO A 570 -6.22 -4.81 -21.56
C PRO A 570 -6.99 -6.06 -21.18
N PHE A 571 -7.50 -6.06 -19.95
CA PHE A 571 -8.22 -7.20 -19.41
C PHE A 571 -9.47 -7.48 -20.23
N PRO A 572 -9.98 -8.73 -20.16
CA PRO A 572 -11.29 -9.04 -20.73
C PRO A 572 -12.46 -8.59 -19.85
N THR A 573 -13.67 -8.99 -20.24
CA THR A 573 -14.88 -8.74 -19.48
C THR A 573 -15.58 -10.07 -19.21
N LEU A 574 -16.41 -10.10 -18.17
CA LEU A 574 -17.19 -11.28 -17.81
C LEU A 574 -18.67 -10.95 -17.95
N LYS A 575 -19.40 -11.78 -18.70
CA LYS A 575 -20.84 -11.63 -18.84
C LYS A 575 -21.56 -12.80 -18.19
N LEU A 576 -22.52 -12.51 -17.32
CA LEU A 576 -23.41 -13.53 -16.76
C LEU A 576 -24.76 -13.44 -17.44
N ASN A 577 -25.37 -14.59 -17.70
CA ASN A 577 -26.76 -14.66 -18.06
C ASN A 577 -27.58 -13.86 -17.03
N PRO A 578 -28.23 -12.76 -17.44
CA PRO A 578 -28.95 -11.93 -16.46
C PRO A 578 -30.22 -12.56 -15.94
N ASP A 579 -30.71 -13.64 -16.55
CA ASP A 579 -31.92 -14.29 -16.06
C ASP A 579 -31.69 -15.07 -14.77
N ILE A 580 -30.44 -15.35 -14.40
CA ILE A 580 -30.17 -16.20 -13.24
C ILE A 580 -30.34 -15.36 -11.98
N LYS A 581 -31.35 -15.70 -11.17
CA LYS A 581 -31.70 -14.89 -10.01
C LYS A 581 -31.43 -15.56 -8.67
N ASN A 582 -31.01 -16.82 -8.64
CA ASN A 582 -30.68 -17.50 -7.41
C ASN A 582 -29.33 -18.17 -7.56
N ILE A 583 -28.51 -18.09 -6.49
CA ILE A 583 -27.10 -18.49 -6.54
C ILE A 583 -26.94 -19.93 -7.00
N GLU A 584 -27.94 -20.78 -6.76
CA GLU A 584 -27.83 -22.20 -7.05
C GLU A 584 -28.17 -22.55 -8.49
N ASP A 585 -28.67 -21.59 -9.27
CA ASP A 585 -29.22 -21.88 -10.59
C ASP A 585 -28.25 -21.64 -11.73
N PHE A 586 -26.99 -21.31 -11.44
CA PHE A 586 -26.02 -21.09 -12.51
C PHE A 586 -25.53 -22.42 -13.09
N THR A 587 -25.26 -22.40 -14.40
CA THR A 587 -24.58 -23.49 -15.08
C THR A 587 -23.47 -22.89 -15.94
N ILE A 588 -22.58 -23.77 -16.40
CA ILE A 588 -21.36 -23.36 -17.10
C ILE A 588 -21.65 -22.41 -18.27
N SER A 589 -22.76 -22.59 -18.98
CA SER A 589 -23.03 -21.75 -20.15
C SER A 589 -23.58 -20.37 -19.80
N ASP A 590 -23.82 -20.07 -18.54
CA ASP A 590 -24.25 -18.73 -18.15
C ASP A 590 -23.10 -17.76 -17.98
N PHE A 591 -21.87 -18.17 -18.26
CA PHE A 591 -20.67 -17.34 -18.10
C PHE A 591 -20.01 -17.15 -19.46
N THR A 592 -19.67 -15.90 -19.80
CA THR A 592 -18.88 -15.63 -21.00
C THR A 592 -17.73 -14.68 -20.70
N ILE A 593 -16.51 -15.09 -21.05
CA ILE A 593 -15.34 -14.23 -21.01
C ILE A 593 -15.14 -13.69 -22.41
N GLN A 594 -15.21 -12.37 -22.56
CA GLN A 594 -15.11 -11.76 -23.88
C GLN A 594 -13.83 -10.94 -23.99
N ASN A 595 -13.19 -11.04 -25.15
CA ASN A 595 -12.05 -10.20 -25.52
C ASN A 595 -10.83 -10.48 -24.66
N TYR A 596 -10.63 -11.75 -24.32
CA TYR A 596 -9.40 -12.16 -23.65
C TYR A 596 -8.26 -12.09 -24.64
N VAL A 597 -7.39 -11.10 -24.48
CA VAL A 597 -6.14 -11.01 -25.21
C VAL A 597 -5.03 -11.35 -24.23
N HIS A 598 -4.11 -12.23 -24.63
CA HIS A 598 -3.16 -12.80 -23.67
C HIS A 598 -1.89 -13.22 -24.39
N HIS A 599 -0.81 -13.26 -23.64
CA HIS A 599 0.44 -13.82 -24.14
C HIS A 599 0.36 -15.34 -24.17
N GLU A 600 1.41 -15.94 -24.69
CA GLU A 600 1.46 -17.38 -24.88
C GLU A 600 1.44 -18.09 -23.53
N LYS A 601 0.89 -19.31 -23.55
CA LYS A 601 0.86 -20.18 -22.37
C LYS A 601 2.27 -20.46 -21.86
N ILE A 602 2.42 -20.56 -20.53
CA ILE A 602 3.70 -20.88 -19.91
C ILE A 602 3.53 -22.08 -18.99
N SER A 603 4.41 -23.07 -19.13
CA SER A 603 4.56 -24.10 -18.12
C SER A 603 5.40 -23.55 -16.97
N MET A 604 4.81 -23.47 -15.79
CA MET A 604 5.53 -22.85 -14.67
C MET A 604 6.73 -23.71 -14.26
N ASP A 605 6.57 -25.03 -14.33
CA ASP A 605 7.63 -25.98 -14.03
C ASP A 605 8.25 -26.48 -15.32
N MET A 606 9.58 -26.44 -15.39
CA MET A 606 10.33 -27.04 -16.50
C MET A 606 9.96 -26.47 -17.86
N GLN B 4 17.20 36.04 7.64
CA GLN B 4 17.63 35.85 6.27
C GLN B 4 19.08 35.31 6.20
N VAL B 5 19.88 35.66 7.22
CA VAL B 5 21.26 35.17 7.26
C VAL B 5 21.28 33.64 7.24
N CYS B 6 20.42 33.01 8.04
CA CYS B 6 20.39 31.56 8.10
C CYS B 6 19.93 30.95 6.77
N ASP B 7 19.09 31.66 6.02
CA ASP B 7 18.73 31.21 4.68
C ASP B 7 19.88 31.34 3.72
N VAL B 8 20.67 32.42 3.84
CA VAL B 8 21.81 32.63 2.95
C VAL B 8 22.84 31.54 3.15
N PHE B 9 23.34 31.40 4.38
CA PHE B 9 24.48 30.55 4.66
C PHE B 9 24.10 29.12 5.06
N ASP B 10 22.81 28.79 5.13
CA ASP B 10 22.35 27.44 5.42
C ASP B 10 22.94 26.92 6.73
N ILE B 11 22.55 27.59 7.81
CA ILE B 11 23.02 27.26 9.14
C ILE B 11 21.93 26.43 9.80
N TYR B 12 22.29 25.22 10.20
CA TYR B 12 21.36 24.32 10.85
C TYR B 12 21.95 23.86 12.17
N ALA B 13 21.05 23.44 13.07
CA ALA B 13 21.40 22.77 14.30
C ALA B 13 21.13 21.28 14.14
N ILE B 14 21.97 20.47 14.77
CA ILE B 14 21.72 19.05 14.89
C ILE B 14 22.06 18.65 16.31
N CYS B 15 21.14 17.93 16.96
CA CYS B 15 21.29 17.58 18.36
C CYS B 15 20.60 16.25 18.62
N ALA B 16 20.91 15.67 19.77
CA ALA B 16 20.25 14.48 20.29
C ALA B 16 19.94 14.72 21.77
N CYS B 17 18.67 14.64 22.13
CA CYS B 17 18.24 14.92 23.49
C CYS B 17 17.49 13.72 24.08
N CYS B 18 17.78 13.42 25.34
CA CYS B 18 17.08 12.38 26.08
C CYS B 18 16.06 13.03 27.01
N LYS B 19 15.37 12.19 27.77
CA LYS B 19 14.51 12.66 28.84
C LYS B 19 15.32 12.76 30.13
N VAL B 20 14.84 13.59 31.05
CA VAL B 20 15.61 13.97 32.23
C VAL B 20 14.89 13.50 33.49
N GLU B 21 15.68 13.09 34.49
CA GLU B 21 15.13 12.69 35.79
C GLU B 21 14.57 13.90 36.55
N SER B 22 13.43 13.69 37.20
CA SER B 22 12.81 14.75 38.01
C SER B 22 13.05 14.53 39.51
N ASN B 29 0.53 11.89 37.19
CA ASN B 29 0.48 11.92 35.72
C ASN B 29 1.45 12.98 35.17
N GLU B 30 2.55 12.54 34.57
CA GLU B 30 3.43 13.48 33.90
C GLU B 30 2.70 14.09 32.71
N VAL B 31 3.15 15.26 32.29
CA VAL B 31 2.68 15.90 31.07
C VAL B 31 3.83 15.87 30.08
N PHE B 32 3.54 15.47 28.86
CA PHE B 32 4.56 15.36 27.83
C PHE B 32 4.34 16.44 26.77
N ASN B 33 5.44 17.00 26.28
CA ASN B 33 5.44 17.92 25.14
C ASN B 33 6.81 17.86 24.50
N ASN B 34 7.05 18.70 23.49
CA ASN B 34 8.33 18.65 22.80
C ASN B 34 9.50 18.83 23.75
N TYR B 35 9.34 19.66 24.79
CA TYR B 35 10.41 19.93 25.74
C TYR B 35 10.71 18.73 26.64
N THR B 36 9.90 17.66 26.56
CA THR B 36 10.21 16.44 27.29
C THR B 36 11.59 15.90 26.91
N PHE B 37 12.00 16.10 25.65
CA PHE B 37 13.30 15.65 25.16
C PHE B 37 14.23 16.87 25.17
N ARG B 38 15.04 16.99 26.22
CA ARG B 38 15.95 18.13 26.31
C ARG B 38 17.29 17.81 26.96
N GLY B 39 17.59 16.56 27.25
CA GLY B 39 18.84 16.25 27.93
C GLY B 39 20.01 16.17 26.97
N LEU B 40 21.01 17.03 27.13
CA LEU B 40 22.16 17.12 26.24
C LEU B 40 23.42 16.44 26.78
N GLY B 41 23.75 16.63 28.05
CA GLY B 41 24.99 16.08 28.56
C GLY B 41 24.98 15.98 30.07
N ASN B 42 26.06 15.39 30.59
CA ASN B 42 26.17 15.13 32.03
C ASN B 42 27.63 14.82 32.35
N LYS B 43 28.17 15.48 33.38
CA LYS B 43 29.56 15.31 33.80
C LYS B 43 30.51 15.45 32.62
N GLY B 44 30.28 16.47 31.79
CA GLY B 44 31.14 16.74 30.66
C GLY B 44 31.04 15.78 29.50
N VAL B 45 30.15 14.79 29.57
CA VAL B 45 30.03 13.77 28.53
C VAL B 45 28.55 13.56 28.20
N LEU B 46 28.30 12.68 27.24
CA LEU B 46 26.94 12.37 26.82
C LEU B 46 26.20 11.64 27.93
N PRO B 47 24.90 11.90 28.12
CA PRO B 47 24.18 11.28 29.25
C PRO B 47 24.04 9.78 29.13
N TRP B 48 23.99 9.27 27.91
CA TRP B 48 23.87 7.84 27.62
C TRP B 48 25.22 7.25 27.27
N LYS B 49 25.32 5.92 27.38
CA LYS B 49 26.60 5.26 27.15
C LYS B 49 26.98 5.33 25.68
N CYS B 50 26.13 4.81 24.81
CA CYS B 50 26.35 4.90 23.37
C CYS B 50 25.06 4.57 22.64
N ILE B 51 24.70 5.38 21.64
CA ILE B 51 23.53 5.13 20.80
C ILE B 51 24.01 5.22 19.35
N SER B 52 24.40 4.07 18.79
CA SER B 52 25.14 4.10 17.53
C SER B 52 24.28 4.40 16.32
N LEU B 53 22.95 4.27 16.41
CA LEU B 53 22.14 4.63 15.26
C LEU B 53 22.08 6.14 15.10
N ASP B 54 22.03 6.87 16.20
CA ASP B 54 22.10 8.32 16.13
C ASP B 54 23.45 8.78 15.60
N MET B 55 24.54 8.10 15.99
CA MET B 55 25.85 8.45 15.46
C MET B 55 25.94 8.19 13.97
N LYS B 56 25.37 7.07 13.51
CA LYS B 56 25.29 6.85 12.07
C LYS B 56 24.53 7.98 11.39
N TYR B 57 23.40 8.37 11.97
CA TYR B 57 22.64 9.47 11.41
C TYR B 57 23.42 10.78 11.45
N PHE B 58 24.14 11.01 12.55
CA PHE B 58 24.97 12.21 12.66
C PHE B 58 25.97 12.30 11.52
N ARG B 59 26.76 11.24 11.32
CA ARG B 59 27.78 11.26 10.27
C ARG B 59 27.15 11.45 8.90
N ALA B 60 26.01 10.80 8.64
CA ALA B 60 25.39 10.95 7.33
C ALA B 60 24.91 12.38 7.09
N VAL B 61 24.37 13.05 8.11
CA VAL B 61 23.85 14.41 7.95
C VAL B 61 24.99 15.42 7.89
N THR B 62 25.95 15.32 8.80
CA THR B 62 27.00 16.33 8.86
C THR B 62 28.05 16.17 7.77
N THR B 63 28.02 15.07 7.01
CA THR B 63 28.98 14.92 5.92
C THR B 63 28.35 14.89 4.54
N TYR B 64 27.02 14.84 4.43
CA TYR B 64 26.41 14.73 3.11
C TYR B 64 26.50 16.06 2.35
N VAL B 65 26.94 15.99 1.10
CA VAL B 65 27.15 17.17 0.27
C VAL B 65 26.60 16.88 -1.11
N ASN B 66 25.88 17.85 -1.69
CA ASN B 66 25.40 17.75 -3.06
C ASN B 66 26.06 18.83 -3.91
N GLU B 67 27.17 18.48 -4.57
CA GLU B 67 27.92 19.42 -5.38
C GLU B 67 27.05 20.05 -6.47
N SER B 68 26.18 19.25 -7.07
CA SER B 68 25.29 19.73 -8.13
C SER B 68 24.31 20.79 -7.65
N LYS B 69 24.30 21.12 -6.37
CA LYS B 69 23.47 22.20 -5.87
C LYS B 69 24.29 23.34 -5.28
N TYR B 70 25.62 23.22 -5.27
CA TYR B 70 26.45 24.24 -4.63
C TYR B 70 26.50 25.51 -5.48
N GLU B 71 26.52 25.38 -6.81
CA GLU B 71 26.61 26.56 -7.67
C GLU B 71 25.50 27.56 -7.33
N LYS B 72 24.29 27.05 -7.11
CA LYS B 72 23.17 27.91 -6.73
C LYS B 72 23.41 28.54 -5.35
N LEU B 73 24.02 27.79 -4.43
CA LEU B 73 24.26 28.30 -3.07
C LEU B 73 25.35 29.36 -3.06
N LYS B 74 26.49 29.10 -3.73
CA LYS B 74 27.56 30.09 -3.80
C LYS B 74 27.13 31.34 -4.57
N TYR B 75 26.29 31.16 -5.59
CA TYR B 75 25.71 32.32 -6.26
C TYR B 75 24.94 33.19 -5.28
N LYS B 76 24.04 32.57 -4.51
CA LYS B 76 23.21 33.32 -3.57
C LYS B 76 24.05 33.97 -2.48
N ARG B 77 25.09 33.28 -2.01
CA ARG B 77 25.95 33.85 -0.96
C ARG B 77 26.73 35.05 -1.47
N CYS B 78 27.31 34.94 -2.68
CA CYS B 78 28.03 36.06 -3.25
C CYS B 78 27.13 37.27 -3.50
N LYS B 79 25.93 37.05 -4.06
CA LYS B 79 25.05 38.19 -4.31
C LYS B 79 24.68 38.91 -3.02
N TYR B 80 24.41 38.15 -1.95
CA TYR B 80 24.07 38.76 -0.66
C TYR B 80 25.19 39.67 -0.15
N LEU B 81 26.44 39.21 -0.25
CA LEU B 81 27.62 39.97 0.13
C LEU B 81 27.96 41.09 -0.86
N ASN B 82 27.24 41.18 -1.98
CA ASN B 82 27.58 42.08 -3.07
C ASN B 82 29.03 41.87 -3.50
N LYS B 83 29.33 40.62 -3.82
CA LYS B 83 30.59 40.18 -4.42
C LYS B 83 30.24 39.38 -5.67
N GLU B 84 31.27 38.98 -6.41
CA GLU B 84 31.10 38.13 -7.57
C GLU B 84 31.81 36.79 -7.44
N THR B 85 32.79 36.68 -6.55
CA THR B 85 33.47 35.44 -6.24
C THR B 85 33.47 35.26 -4.72
N VAL B 86 33.69 34.02 -4.27
CA VAL B 86 33.62 33.74 -2.84
C VAL B 86 34.81 34.36 -2.11
N ASP B 87 36.02 34.20 -2.64
CA ASP B 87 37.21 34.70 -1.95
C ASP B 87 37.24 36.23 -1.86
N LEU B 98 34.56 19.78 -1.82
CA LEU B 98 33.48 20.50 -1.15
C LEU B 98 32.99 19.74 0.08
N GLN B 99 33.11 20.35 1.26
CA GLN B 99 32.69 19.75 2.52
C GLN B 99 31.63 20.60 3.19
N ASN B 100 31.22 20.19 4.39
CA ASN B 100 30.33 20.96 5.24
C ASN B 100 31.12 21.59 6.37
N VAL B 101 30.47 22.53 7.06
CA VAL B 101 31.04 23.17 8.25
C VAL B 101 30.34 22.60 9.47
N VAL B 102 31.13 22.30 10.50
CA VAL B 102 30.62 21.91 11.82
C VAL B 102 31.13 22.90 12.85
N VAL B 103 30.24 23.39 13.70
CA VAL B 103 30.54 24.41 14.70
C VAL B 103 30.29 23.82 16.09
N MET B 104 31.29 23.90 16.97
CA MET B 104 31.20 23.41 18.33
C MET B 104 31.63 24.47 19.33
N GLY B 105 31.04 24.41 20.52
CA GLY B 105 31.64 25.08 21.66
C GLY B 105 32.92 24.41 22.09
N ARG B 106 33.75 25.16 22.82
CA ARG B 106 35.04 24.65 23.25
C ARG B 106 34.88 23.44 24.15
N THR B 107 33.99 23.53 25.14
CA THR B 107 33.70 22.38 26.00
C THR B 107 33.32 21.18 25.17
N ASN B 108 32.47 21.39 24.16
CA ASN B 108 32.08 20.30 23.27
C ASN B 108 33.27 19.76 22.50
N TRP B 109 34.15 20.65 22.04
CA TRP B 109 35.35 20.20 21.31
C TRP B 109 36.29 19.40 22.22
N GLU B 110 36.43 19.79 23.48
CA GLU B 110 37.32 19.05 24.39
C GLU B 110 36.80 17.65 24.65
N SER B 111 35.50 17.49 24.87
CA SER B 111 34.94 16.19 25.20
C SER B 111 35.12 15.17 24.08
N ILE B 112 35.21 15.64 22.84
CA ILE B 112 35.46 14.70 21.73
C ILE B 112 36.81 14.03 21.94
N PRO B 113 36.90 12.71 21.85
CA PRO B 113 38.20 12.05 22.01
C PRO B 113 39.21 12.48 20.96
N LYS B 114 40.49 12.43 21.34
CA LYS B 114 41.56 12.88 20.46
C LYS B 114 41.60 12.07 19.16
N LYS B 115 41.21 10.80 19.22
CA LYS B 115 41.21 9.98 18.01
C LYS B 115 40.24 10.55 16.97
N PHE B 116 39.09 11.08 17.42
CA PHE B 116 38.09 11.58 16.50
C PHE B 116 38.47 12.93 15.89
N LYS B 117 39.15 13.79 16.66
CA LYS B 117 39.40 15.16 16.24
C LYS B 117 40.53 15.23 15.20
N PRO B 118 40.39 16.07 14.15
CA PRO B 118 39.22 16.90 13.81
C PRO B 118 38.14 16.06 13.13
N LEU B 119 36.88 16.47 13.16
CA LEU B 119 35.81 15.70 12.53
C LEU B 119 36.09 15.50 11.05
N SER B 120 36.17 14.23 10.65
CA SER B 120 36.64 13.88 9.32
C SER B 120 35.76 14.48 8.24
N ASN B 121 36.41 14.93 7.16
CA ASN B 121 35.72 15.43 5.97
C ASN B 121 34.74 16.56 6.30
N ARG B 122 34.99 17.27 7.40
CA ARG B 122 34.19 18.43 7.79
C ARG B 122 35.12 19.59 8.16
N ILE B 123 34.70 20.80 7.80
CA ILE B 123 35.43 22.02 8.15
C ILE B 123 35.14 22.36 9.62
N ASN B 124 36.12 22.14 10.48
CA ASN B 124 35.93 22.22 11.93
C ASN B 124 36.09 23.66 12.40
N VAL B 125 35.05 24.19 13.05
CA VAL B 125 35.00 25.57 13.53
C VAL B 125 34.62 25.55 15.01
N ILE B 126 35.48 26.12 15.86
CA ILE B 126 35.23 26.17 17.29
C ILE B 126 34.95 27.61 17.69
N LEU B 127 33.78 27.85 18.27
CA LEU B 127 33.43 29.16 18.81
C LEU B 127 33.91 29.21 20.25
N SER B 128 34.99 29.97 20.49
CA SER B 128 35.64 30.02 21.79
C SER B 128 36.12 31.45 22.06
N ARG B 129 36.41 31.73 23.33
CA ARG B 129 37.00 33.01 23.71
C ARG B 129 38.34 32.83 24.42
N THR B 130 38.89 31.61 24.45
CA THR B 130 40.16 31.34 25.13
C THR B 130 41.02 30.41 24.29
N LEU B 131 41.01 30.61 22.97
CA LEU B 131 41.78 29.76 22.08
C LEU B 131 42.35 30.60 20.95
N LYS B 132 43.36 30.04 20.29
CA LYS B 132 44.04 30.70 19.19
C LYS B 132 44.38 29.64 18.14
N LYS B 133 44.32 30.03 16.86
CA LYS B 133 44.71 29.11 15.80
C LYS B 133 46.16 28.67 15.91
N GLU B 134 46.94 29.33 16.78
CA GLU B 134 48.34 28.95 16.99
C GLU B 134 48.50 27.66 17.78
N ASP B 135 47.43 27.19 18.45
CA ASP B 135 47.42 25.87 19.05
C ASP B 135 46.80 24.81 18.13
N PHE B 136 46.37 25.20 16.94
CA PHE B 136 45.49 24.41 16.10
C PHE B 136 46.04 24.32 14.68
N ASP B 137 45.26 23.69 13.81
CA ASP B 137 45.60 23.57 12.40
C ASP B 137 45.32 24.86 11.64
N GLU B 138 45.85 24.94 10.43
CA GLU B 138 45.42 25.96 9.47
C GLU B 138 43.99 25.70 9.02
N ASP B 139 43.64 24.43 8.80
CA ASP B 139 42.30 24.03 8.38
C ASP B 139 41.31 23.91 9.52
N VAL B 140 41.76 23.96 10.78
CA VAL B 140 40.88 23.97 11.94
C VAL B 140 40.73 25.43 12.38
N TYR B 141 39.55 25.99 12.12
CA TYR B 141 39.29 27.40 12.34
C TYR B 141 38.77 27.65 13.75
N ILE B 142 39.12 28.82 14.29
CA ILE B 142 38.62 29.28 15.57
C ILE B 142 38.01 30.65 15.36
N ILE B 143 36.87 30.91 15.99
CA ILE B 143 36.21 32.20 15.92
C ILE B 143 35.93 32.68 17.34
N ASN B 144 35.82 34.00 17.49
CA ASN B 144 35.74 34.63 18.81
C ASN B 144 34.33 35.03 19.20
N LYS B 145 33.47 35.32 18.23
CA LYS B 145 32.09 35.69 18.49
C LYS B 145 31.25 35.10 17.36
N VAL B 146 29.93 35.08 17.59
CA VAL B 146 29.02 34.46 16.64
C VAL B 146 29.11 35.13 15.28
N GLU B 147 29.09 36.46 15.25
CA GLU B 147 29.09 37.15 13.97
C GLU B 147 30.38 36.92 13.19
N ASP B 148 31.44 36.46 13.85
CA ASP B 148 32.65 36.06 13.14
C ASP B 148 32.46 34.77 12.33
N LEU B 149 31.41 34.00 12.58
CA LEU B 149 31.13 32.85 11.73
C LEU B 149 30.55 33.29 10.39
N ILE B 150 29.64 34.27 10.41
CA ILE B 150 29.07 34.79 9.18
C ILE B 150 30.16 35.37 8.29
N VAL B 151 31.17 36.00 8.91
CA VAL B 151 32.34 36.45 8.16
C VAL B 151 33.09 35.24 7.59
N LEU B 152 33.35 34.24 8.44
CA LEU B 152 34.15 33.09 8.00
C LEU B 152 33.45 32.31 6.89
N LEU B 153 32.12 32.17 6.99
CA LEU B 153 31.37 31.45 5.96
C LEU B 153 31.39 32.18 4.63
N GLY B 154 31.39 33.52 4.66
CA GLY B 154 31.46 34.27 3.42
C GLY B 154 32.75 34.03 2.65
N LYS B 155 33.83 33.69 3.36
CA LYS B 155 35.13 33.45 2.77
C LYS B 155 35.37 31.98 2.44
N LEU B 156 34.44 31.08 2.78
CA LEU B 156 34.68 29.65 2.62
C LEU B 156 33.84 29.06 1.50
N ASN B 157 34.29 27.91 1.00
CA ASN B 157 33.51 27.04 0.13
C ASN B 157 33.00 25.88 0.96
N TYR B 158 31.68 25.81 1.13
CA TYR B 158 31.08 24.76 1.94
C TYR B 158 29.65 24.54 1.47
N TYR B 159 29.17 23.30 1.61
CA TYR B 159 27.79 22.99 1.25
C TYR B 159 26.83 23.58 2.28
N LYS B 160 26.88 23.09 3.52
CA LYS B 160 26.00 23.53 4.60
C LYS B 160 26.80 23.67 5.90
N CYS B 161 26.22 24.39 6.84
CA CYS B 161 26.85 24.67 8.12
C CYS B 161 25.99 24.09 9.24
N PHE B 162 26.55 23.17 10.02
CA PHE B 162 25.84 22.51 11.10
C PHE B 162 26.41 22.94 12.45
N ILE B 163 25.51 23.38 13.34
CA ILE B 163 25.87 23.76 14.69
C ILE B 163 25.69 22.54 15.60
N LEU B 164 26.79 22.07 16.20
CA LEU B 164 26.79 20.81 16.92
C LEU B 164 26.56 20.95 18.42
N GLY B 165 26.38 22.16 18.91
CA GLY B 165 26.31 22.40 20.34
C GLY B 165 27.62 22.97 20.88
N GLY B 166 27.66 23.10 22.20
CA GLY B 166 26.65 22.60 23.12
C GLY B 166 25.53 23.55 23.51
N SER B 167 25.15 23.47 24.78
CA SER B 167 23.96 24.14 25.27
C SER B 167 24.01 25.64 25.04
N VAL B 168 25.15 26.27 25.37
CA VAL B 168 25.28 27.71 25.19
C VAL B 168 25.30 28.05 23.71
N VAL B 169 26.05 27.28 22.93
CA VAL B 169 26.13 27.51 21.49
C VAL B 169 24.74 27.42 20.87
N TYR B 170 23.98 26.38 21.21
CA TYR B 170 22.59 26.26 20.76
C TYR B 170 21.77 27.47 21.19
N GLN B 171 21.89 27.86 22.46
CA GLN B 171 21.01 28.88 23.01
C GLN B 171 21.15 30.19 22.26
N GLU B 172 22.37 30.68 22.06
CA GLU B 172 22.56 31.99 21.46
C GLU B 172 22.40 31.98 19.95
N PHE B 173 22.77 30.89 19.29
CA PHE B 173 22.45 30.77 17.87
C PHE B 173 20.95 30.81 17.64
N LEU B 174 20.18 30.13 18.50
CA LEU B 174 18.73 30.07 18.34
C LEU B 174 18.08 31.40 18.63
N GLU B 175 18.52 32.08 19.69
CA GLU B 175 17.86 33.33 20.08
C GLU B 175 17.99 34.39 18.99
N LYS B 176 19.04 34.31 18.17
CA LYS B 176 19.29 35.27 17.09
C LYS B 176 18.67 34.85 15.76
N LYS B 177 17.83 33.81 15.75
CA LYS B 177 17.18 33.32 14.53
C LYS B 177 18.21 32.99 13.44
N LEU B 178 19.38 32.53 13.85
CA LEU B 178 20.44 32.09 12.96
C LEU B 178 20.30 30.66 12.50
N ILE B 179 19.23 29.97 12.89
CA ILE B 179 19.06 28.54 12.63
C ILE B 179 17.93 28.37 11.63
N LYS B 180 18.23 27.74 10.49
CA LYS B 180 17.21 27.49 9.49
C LYS B 180 16.37 26.25 9.82
N LYS B 181 17.01 25.16 10.24
CA LYS B 181 16.28 23.97 10.65
C LYS B 181 17.02 23.31 11.80
N ILE B 182 16.27 22.53 12.58
CA ILE B 182 16.82 21.80 13.73
C ILE B 182 16.64 20.32 13.47
N TYR B 183 17.75 19.61 13.32
CA TYR B 183 17.78 18.16 13.18
C TYR B 183 17.89 17.56 14.59
N PHE B 184 16.76 17.05 15.06
CA PHE B 184 16.55 16.72 16.46
C PHE B 184 16.29 15.21 16.60
N THR B 185 17.25 14.50 17.19
CA THR B 185 17.06 13.11 17.58
C THR B 185 16.33 13.06 18.92
N ARG B 186 15.22 12.35 18.97
CA ARG B 186 14.50 12.14 20.24
C ARG B 186 14.92 10.78 20.80
N ILE B 187 15.67 10.82 21.90
CA ILE B 187 16.13 9.61 22.60
C ILE B 187 15.06 9.30 23.65
N ASN B 188 14.32 8.21 23.46
CA ASN B 188 13.20 7.92 24.37
C ASN B 188 13.66 7.02 25.52
N SER B 189 14.52 7.59 26.36
CA SER B 189 14.85 7.02 27.65
C SER B 189 15.33 8.17 28.54
N THR B 190 15.39 7.90 29.84
CA THR B 190 15.69 8.93 30.83
C THR B 190 17.09 8.73 31.41
N TYR B 191 17.87 9.79 31.43
CA TYR B 191 19.20 9.75 32.05
C TYR B 191 19.40 10.98 32.91
N GLU B 192 20.46 10.95 33.71
CA GLU B 192 20.85 12.10 34.50
C GLU B 192 21.56 13.11 33.60
N CYS B 193 21.17 14.38 33.69
CA CYS B 193 21.73 15.42 32.86
C CYS B 193 21.98 16.70 33.67
N ASP B 194 23.06 17.40 33.32
CA ASP B 194 23.32 18.73 33.89
C ASP B 194 23.40 19.84 32.85
N VAL B 195 23.12 19.55 31.58
CA VAL B 195 22.98 20.57 30.54
C VAL B 195 21.84 20.18 29.60
N PHE B 196 21.04 21.17 29.18
CA PHE B 196 19.77 20.93 28.54
C PHE B 196 19.60 21.82 27.32
N PHE B 197 19.05 21.24 26.25
CA PHE B 197 18.76 22.00 25.05
C PHE B 197 17.78 23.12 25.40
N PRO B 198 17.90 24.30 24.79
CA PRO B 198 16.94 25.36 25.08
C PRO B 198 15.54 24.98 24.58
N GLU B 199 14.53 25.49 25.28
CA GLU B 199 13.17 25.26 24.82
C GLU B 199 12.96 25.93 23.48
N ILE B 200 12.47 25.17 22.51
CA ILE B 200 12.23 25.70 21.17
C ILE B 200 10.85 26.35 21.17
N ASN B 201 10.83 27.65 20.90
CA ASN B 201 9.56 28.37 20.85
C ASN B 201 8.76 27.94 19.62
N GLU B 202 7.58 27.35 19.84
CA GLU B 202 6.79 26.81 18.75
C GLU B 202 6.19 27.87 17.85
N ASN B 203 6.21 29.14 18.25
CA ASN B 203 5.88 30.21 17.31
C ASN B 203 6.99 30.36 16.27
N GLU B 204 8.25 30.20 16.69
CA GLU B 204 9.39 30.41 15.79
C GLU B 204 9.66 29.19 14.91
N TYR B 205 9.63 28.00 15.50
CA TYR B 205 9.98 26.76 14.81
C TYR B 205 8.83 25.78 14.89
N GLN B 206 8.67 24.99 13.84
CA GLN B 206 7.61 23.99 13.79
C GLN B 206 8.17 22.71 13.16
N ILE B 207 7.69 21.57 13.66
CA ILE B 207 8.11 20.28 13.15
C ILE B 207 7.51 20.05 11.76
N ILE B 208 8.35 19.66 10.82
CA ILE B 208 7.89 19.41 9.46
C ILE B 208 8.08 17.97 9.01
N SER B 209 9.03 17.22 9.55
CA SER B 209 9.19 15.81 9.20
C SER B 209 9.49 14.99 10.44
N VAL B 210 8.97 13.76 10.46
CA VAL B 210 9.19 12.80 11.53
C VAL B 210 9.55 11.45 10.90
N SER B 211 10.54 10.77 11.47
CA SER B 211 11.07 9.58 10.84
C SER B 211 10.37 8.31 11.35
N ASP B 212 10.81 7.18 10.81
CA ASP B 212 10.49 5.89 11.36
C ASP B 212 11.05 5.76 12.77
N VAL B 213 10.43 4.89 13.60
CA VAL B 213 10.92 4.64 14.95
C VAL B 213 11.88 3.46 14.92
N TYR B 214 12.92 3.54 15.74
CA TYR B 214 14.02 2.58 15.74
C TYR B 214 14.34 2.15 17.17
N THR B 215 14.99 1.00 17.28
CA THR B 215 15.63 0.58 18.53
C THR B 215 17.15 0.54 18.34
N SER B 216 17.87 1.22 19.23
CA SER B 216 19.33 1.17 19.22
C SER B 216 19.82 1.23 20.65
N ASN B 217 20.59 0.22 21.07
CA ASN B 217 21.22 0.20 22.39
C ASN B 217 20.19 0.31 23.51
N ASN B 218 19.15 -0.52 23.41
CA ASN B 218 18.14 -0.70 24.44
C ASN B 218 17.25 0.51 24.65
N THR B 219 17.16 1.40 23.66
CA THR B 219 16.24 2.53 23.71
C THR B 219 15.57 2.68 22.35
N THR B 220 14.35 3.18 22.35
CA THR B 220 13.83 3.66 21.09
C THR B 220 14.27 5.09 20.86
N LEU B 221 14.29 5.49 19.59
CA LEU B 221 14.58 6.85 19.20
C LEU B 221 13.90 7.12 17.86
N ASP B 222 13.73 8.40 17.56
CA ASP B 222 13.34 8.78 16.22
C ASP B 222 14.01 10.12 15.90
N PHE B 223 13.85 10.54 14.65
CA PHE B 223 14.48 11.74 14.12
C PHE B 223 13.41 12.67 13.62
N ILE B 224 13.42 13.90 14.12
CA ILE B 224 12.46 14.91 13.65
C ILE B 224 13.23 16.10 13.13
N ILE B 225 12.54 16.89 12.31
CA ILE B 225 13.09 18.08 11.67
C ILE B 225 12.23 19.28 12.05
N TYR B 226 12.84 20.24 12.75
CA TYR B 226 12.21 21.53 13.02
C TYR B 226 12.56 22.50 11.89
N LYS B 227 11.59 23.33 11.52
CA LYS B 227 11.79 24.32 10.47
C LYS B 227 11.43 25.71 10.97
N LYS B 228 12.25 26.71 10.59
CA LYS B 228 11.89 28.10 10.79
C LYS B 228 10.56 28.39 10.08
N THR B 229 9.66 29.07 10.78
CA THR B 229 8.32 29.25 10.25
C THR B 229 8.24 30.45 9.32
N ASN B 230 7.19 30.45 8.48
CA ASN B 230 6.87 31.57 7.59
C ASN B 230 5.36 31.70 7.40
N ASP B 283 14.34 13.81 -16.01
CA ASP B 283 13.52 13.84 -17.22
C ASP B 283 12.11 14.31 -16.91
N ASP B 284 11.80 15.55 -17.28
CA ASP B 284 10.41 16.03 -17.20
C ASP B 284 9.58 15.58 -18.39
N GLU B 285 10.19 14.87 -19.34
CA GLU B 285 9.42 14.31 -20.45
C GLU B 285 8.35 13.36 -19.92
N GLU B 286 8.72 12.53 -18.94
CA GLU B 286 7.80 11.61 -18.29
C GLU B 286 6.96 12.30 -17.21
N GLU B 287 7.20 13.57 -16.91
CA GLU B 287 6.33 14.25 -15.96
C GLU B 287 5.01 14.66 -16.59
N ASP B 288 5.00 14.99 -17.89
CA ASP B 288 3.72 15.21 -18.56
C ASP B 288 2.90 13.92 -18.65
N ASP B 289 3.54 12.79 -18.92
CA ASP B 289 2.78 11.54 -18.99
C ASP B 289 2.07 11.23 -17.68
N PHE B 290 2.60 11.71 -16.56
CA PHE B 290 1.91 11.54 -15.29
C PHE B 290 0.54 12.23 -15.31
N VAL B 291 0.49 13.47 -15.80
CA VAL B 291 -0.77 14.20 -15.88
C VAL B 291 -1.76 13.47 -16.77
N TYR B 292 -1.30 12.93 -17.89
CA TYR B 292 -2.21 12.27 -18.80
C TYR B 292 -2.87 11.08 -18.13
N PHE B 293 -2.07 10.31 -17.38
CA PHE B 293 -2.64 9.12 -16.76
C PHE B 293 -3.55 9.47 -15.59
N ASN B 294 -3.56 10.72 -15.14
CA ASN B 294 -4.47 11.22 -14.13
C ASN B 294 -5.71 11.88 -14.73
N PHE B 295 -5.92 11.78 -16.03
CA PHE B 295 -7.00 12.50 -16.69
C PHE B 295 -8.39 12.17 -16.17
N ASN B 296 -8.58 11.03 -15.49
CA ASN B 296 -9.92 10.63 -15.06
C ASN B 296 -10.09 10.63 -13.54
N LYS B 297 -9.48 11.58 -12.84
CA LYS B 297 -9.47 11.53 -11.38
C LYS B 297 -10.36 12.61 -10.78
N GLU B 298 -10.98 12.25 -9.65
CA GLU B 298 -11.81 13.17 -8.85
C GLU B 298 -10.99 14.28 -8.19
N ASN B 303 -11.39 14.06 -1.62
CA ASN B 303 -12.11 15.14 -2.27
C ASN B 303 -13.62 14.91 -2.27
N LYS B 304 -14.13 14.22 -1.24
CA LYS B 304 -15.50 13.72 -1.27
C LYS B 304 -16.41 14.28 -0.18
N ASN B 305 -15.91 14.40 1.05
CA ASN B 305 -16.75 14.62 2.22
C ASN B 305 -16.53 15.99 2.84
N SER B 306 -17.46 16.35 3.73
CA SER B 306 -17.63 17.66 4.36
C SER B 306 -16.63 17.94 5.45
N ILE B 307 -15.54 17.20 5.48
CA ILE B 307 -14.39 17.55 6.28
C ILE B 307 -13.62 18.65 5.55
N HIS B 308 -13.01 19.56 6.32
CA HIS B 308 -12.31 20.68 5.70
C HIS B 308 -10.80 20.46 5.73
N PRO B 309 -10.12 20.85 4.65
CA PRO B 309 -8.66 20.76 4.63
C PRO B 309 -7.99 21.65 5.67
N ASN B 310 -8.51 22.86 5.87
CA ASN B 310 -7.91 23.81 6.79
C ASN B 310 -7.92 23.31 8.23
N ASP B 311 -8.72 22.29 8.52
CA ASP B 311 -8.74 21.75 9.87
C ASP B 311 -7.53 20.88 10.18
N PHE B 312 -6.97 20.20 9.18
CA PHE B 312 -5.80 19.34 9.39
C PHE B 312 -4.51 20.07 9.05
N GLN B 313 -4.43 21.36 9.40
CA GLN B 313 -3.30 22.19 9.00
C GLN B 313 -1.96 21.55 9.38
N ILE B 314 -1.80 21.18 10.66
CA ILE B 314 -0.53 20.57 11.06
C ILE B 314 -0.30 19.29 10.28
N TYR B 315 -1.35 18.47 10.12
CA TYR B 315 -1.20 17.18 9.47
C TYR B 315 -0.80 17.32 8.01
N ASN B 316 -1.41 18.26 7.29
CA ASN B 316 -1.08 18.47 5.89
C ASN B 316 0.22 19.23 5.71
N SER B 317 0.67 19.97 6.73
CA SER B 317 1.90 20.73 6.60
C SER B 317 3.13 19.84 6.68
N LEU B 318 3.00 18.66 7.26
CA LEU B 318 4.17 17.80 7.39
C LEU B 318 4.59 17.30 6.02
N LYS B 319 5.90 17.25 5.79
CA LYS B 319 6.44 16.75 4.54
C LYS B 319 6.61 15.23 4.57
N TYR B 320 7.46 14.74 5.48
CA TYR B 320 7.76 13.32 5.56
C TYR B 320 7.15 12.75 6.84
N LYS B 321 6.20 11.82 6.67
CA LYS B 321 5.50 11.23 7.80
C LYS B 321 5.83 9.74 7.83
N TYR B 322 7.00 9.42 8.35
CA TYR B 322 7.52 8.06 8.35
C TYR B 322 7.30 7.34 9.67
N HIS B 323 6.81 8.03 10.67
CA HIS B 323 6.51 7.40 11.94
C HIS B 323 5.42 6.36 11.74
N PRO B 324 5.58 5.14 12.28
CA PRO B 324 4.58 4.09 12.01
C PRO B 324 3.20 4.43 12.53
N GLU B 325 3.06 5.33 13.51
CA GLU B 325 1.72 5.77 13.90
C GLU B 325 0.98 6.44 12.73
N TYR B 326 1.70 6.95 11.73
CA TYR B 326 0.95 7.49 10.59
C TYR B 326 0.26 6.42 9.78
N GLN B 327 0.62 5.14 9.97
CA GLN B 327 -0.19 4.11 9.32
C GLN B 327 -1.63 4.17 9.82
N TYR B 328 -1.80 4.36 11.12
CA TYR B 328 -3.14 4.52 11.67
C TYR B 328 -3.76 5.87 11.28
N LEU B 329 -3.00 6.95 11.45
CA LEU B 329 -3.54 8.29 11.20
C LEU B 329 -3.88 8.50 9.73
N ASN B 330 -3.08 7.96 8.81
CA ASN B 330 -3.44 8.08 7.40
C ASN B 330 -4.73 7.36 7.06
N ILE B 331 -5.03 6.25 7.75
CA ILE B 331 -6.29 5.57 7.46
C ILE B 331 -7.47 6.39 7.95
N ILE B 332 -7.35 7.01 9.13
CA ILE B 332 -8.40 7.92 9.60
C ILE B 332 -8.63 9.03 8.57
N TYR B 333 -7.55 9.68 8.14
CA TYR B 333 -7.67 10.74 7.16
C TYR B 333 -8.30 10.23 5.87
N ASP B 334 -7.90 9.03 5.43
CA ASP B 334 -8.49 8.48 4.21
C ASP B 334 -10.00 8.24 4.37
N ILE B 335 -10.41 7.66 5.48
CA ILE B 335 -11.83 7.41 5.67
C ILE B 335 -12.60 8.72 5.76
N MET B 336 -12.06 9.69 6.50
CA MET B 336 -12.72 10.99 6.57
C MET B 336 -12.85 11.62 5.18
N MET B 337 -11.78 11.62 4.40
CA MET B 337 -11.80 12.30 3.11
C MET B 337 -12.61 11.53 2.08
N ASN B 338 -12.58 10.21 2.13
CA ASN B 338 -13.14 9.40 1.06
C ASN B 338 -14.14 8.35 1.52
N GLY B 339 -14.44 8.28 2.82
CA GLY B 339 -15.35 7.28 3.31
C GLY B 339 -16.74 7.45 2.76
N ASN B 340 -17.47 6.34 2.76
CA ASN B 340 -18.85 6.33 2.31
C ASN B 340 -19.76 6.54 3.52
N LYS B 341 -20.72 7.43 3.37
CA LYS B 341 -21.67 7.65 4.45
C LYS B 341 -22.63 6.48 4.50
N GLN B 342 -22.77 5.89 5.70
CA GLN B 342 -23.67 4.77 5.90
C GLN B 342 -24.26 4.86 7.30
N SER B 343 -25.40 4.20 7.46
CA SER B 343 -25.98 3.97 8.77
C SER B 343 -25.34 2.74 9.43
N ASP B 344 -25.68 2.50 10.68
CA ASP B 344 -25.41 1.20 11.30
C ASP B 344 -26.52 0.94 12.32
N ARG B 345 -26.32 -0.10 13.12
CA ARG B 345 -27.37 -0.54 14.04
C ARG B 345 -27.74 0.56 15.02
N THR B 346 -26.74 1.18 15.63
CA THR B 346 -27.00 2.22 16.63
C THR B 346 -27.51 3.52 16.04
N GLY B 347 -27.76 3.59 14.72
CA GLY B 347 -28.18 4.82 14.08
C GLY B 347 -27.17 5.94 14.14
N VAL B 348 -25.97 5.69 14.68
CA VAL B 348 -24.98 6.75 14.88
C VAL B 348 -24.56 7.33 13.54
N GLY B 349 -24.39 6.48 12.53
CA GLY B 349 -23.78 6.92 11.29
C GLY B 349 -22.26 6.76 11.29
N VAL B 350 -21.72 6.28 10.17
CA VAL B 350 -20.30 6.03 10.04
C VAL B 350 -19.85 6.55 8.68
N LEU B 351 -18.56 6.77 8.57
CA LEU B 351 -17.87 6.78 7.29
C LEU B 351 -17.11 5.47 7.20
N SER B 352 -17.22 4.77 6.07
CA SER B 352 -16.63 3.45 5.97
C SER B 352 -15.85 3.29 4.66
N LYS B 353 -14.82 2.46 4.73
CA LYS B 353 -14.08 1.95 3.58
C LYS B 353 -13.80 0.47 3.85
N PHE B 354 -13.30 -0.25 2.84
CA PHE B 354 -13.21 -1.70 2.88
C PHE B 354 -11.81 -2.13 2.45
N GLY B 355 -11.02 -2.67 3.38
CA GLY B 355 -9.71 -3.20 3.00
C GLY B 355 -8.49 -2.30 3.23
N TYR B 356 -7.79 -2.52 4.34
CA TYR B 356 -6.53 -1.86 4.66
C TYR B 356 -5.60 -2.88 5.30
N ILE B 357 -4.29 -2.64 5.18
CA ILE B 357 -3.29 -3.38 5.93
C ILE B 357 -2.39 -2.37 6.63
N MET B 358 -2.08 -2.64 7.90
CA MET B 358 -1.04 -1.94 8.65
C MET B 358 0.00 -2.94 9.12
N LYS B 359 1.26 -2.51 9.15
CA LYS B 359 2.36 -3.36 9.59
C LYS B 359 3.19 -2.59 10.60
N PHE B 360 3.47 -3.25 11.72
CA PHE B 360 4.24 -2.68 12.80
C PHE B 360 5.40 -3.61 13.10
N ASP B 361 6.58 -3.02 13.27
CA ASP B 361 7.80 -3.80 13.44
C ASP B 361 8.05 -3.96 14.93
N LEU B 362 7.56 -5.07 15.49
CA LEU B 362 7.70 -5.27 16.92
C LEU B 362 9.16 -5.36 17.36
N SER B 363 10.10 -5.63 16.44
CA SER B 363 11.52 -5.67 16.81
C SER B 363 12.10 -4.30 17.10
N GLN B 364 11.43 -3.22 16.66
CA GLN B 364 11.93 -1.87 16.84
C GLN B 364 11.12 -1.02 17.80
N TYR B 365 9.88 -1.41 18.11
CA TYR B 365 9.03 -0.60 18.97
C TYR B 365 7.77 -1.38 19.35
N PHE B 366 7.08 -0.86 20.37
CA PHE B 366 5.76 -1.32 20.71
C PHE B 366 4.74 -0.28 20.30
N PRO B 367 3.86 -0.60 19.35
CA PRO B 367 3.02 0.41 18.69
C PRO B 367 1.81 0.84 19.54
N LEU B 368 2.09 1.41 20.70
CA LEU B 368 1.06 2.01 21.54
C LEU B 368 0.88 3.45 21.08
N LEU B 369 -0.31 3.79 20.57
CA LEU B 369 -0.55 5.13 20.04
C LEU B 369 -0.12 6.20 21.02
N THR B 370 0.57 7.23 20.50
CA THR B 370 1.06 8.34 21.31
C THR B 370 0.30 9.63 21.11
N THR B 371 -0.50 9.75 20.05
CA THR B 371 -1.27 10.96 19.84
C THR B 371 -2.50 11.05 20.73
N LYS B 372 -2.68 10.09 21.62
CA LYS B 372 -3.62 10.18 22.74
C LYS B 372 -3.17 9.14 23.75
N LYS B 373 -3.72 9.22 24.95
CA LYS B 373 -3.31 8.35 26.04
C LYS B 373 -4.09 7.04 25.96
N LEU B 374 -3.40 5.92 26.11
CA LEU B 374 -4.05 4.62 26.09
C LEU B 374 -3.68 3.88 27.36
N PHE B 375 -4.66 3.19 27.93
CA PHE B 375 -4.50 2.35 29.12
C PHE B 375 -4.50 0.89 28.69
N LEU B 376 -3.63 0.08 29.32
CA LEU B 376 -3.43 -1.30 28.87
C LEU B 376 -3.84 -2.39 29.87
N ARG B 377 -4.12 -2.05 31.14
CA ARG B 377 -4.44 -3.08 32.12
C ARG B 377 -5.66 -3.88 31.68
N GLY B 378 -6.72 -3.18 31.26
CA GLY B 378 -7.92 -3.88 30.85
C GLY B 378 -7.68 -4.85 29.73
N ILE B 379 -6.98 -4.40 28.67
CA ILE B 379 -6.86 -5.32 27.54
C ILE B 379 -5.86 -6.43 27.85
N ILE B 380 -4.93 -6.26 28.79
CA ILE B 380 -4.07 -7.39 29.12
C ILE B 380 -4.88 -8.46 29.87
N GLU B 381 -5.65 -8.04 30.86
CA GLU B 381 -6.51 -9.00 31.56
C GLU B 381 -7.42 -9.72 30.59
N GLU B 382 -7.96 -9.00 29.60
CA GLU B 382 -8.84 -9.64 28.62
C GLU B 382 -8.09 -10.72 27.86
N LEU B 383 -6.85 -10.42 27.49
CA LEU B 383 -6.01 -11.42 26.84
C LEU B 383 -5.79 -12.63 27.74
N LEU B 384 -5.45 -12.39 29.00
CA LEU B 384 -5.22 -13.50 29.92
C LEU B 384 -6.50 -14.31 30.10
N TRP B 385 -7.65 -13.63 30.18
CA TRP B 385 -8.94 -14.29 30.28
C TRP B 385 -9.22 -15.15 29.04
N PHE B 386 -8.90 -14.64 27.85
CA PHE B 386 -8.93 -15.46 26.64
C PHE B 386 -8.10 -16.74 26.78
N ILE B 387 -6.84 -16.60 27.21
CA ILE B 387 -5.93 -17.74 27.24
C ILE B 387 -6.41 -18.78 28.26
N ARG B 388 -7.04 -18.33 29.34
CA ARG B 388 -7.61 -19.29 30.28
C ARG B 388 -8.81 -20.03 29.70
N GLY B 389 -9.40 -19.54 28.61
CA GLY B 389 -10.54 -20.17 27.98
C GLY B 389 -11.85 -19.73 28.55
N GLU B 390 -11.86 -18.66 29.33
CA GLU B 390 -13.03 -18.22 30.07
C GLU B 390 -14.06 -17.57 29.18
N THR B 391 -15.33 -17.71 29.59
CA THR B 391 -16.44 -17.01 28.96
C THR B 391 -17.27 -16.30 30.00
N ASN B 392 -16.81 -16.26 31.24
CA ASN B 392 -17.53 -15.65 32.35
C ASN B 392 -17.18 -14.18 32.42
N GLY B 393 -18.13 -13.34 32.02
CA GLY B 393 -17.90 -11.91 32.10
C GLY B 393 -17.65 -11.42 33.51
N ASN B 394 -18.20 -12.12 34.52
CA ASN B 394 -18.07 -11.65 35.90
C ASN B 394 -16.60 -11.58 36.30
N THR B 395 -15.80 -12.55 35.84
CA THR B 395 -14.37 -12.55 36.13
C THR B 395 -13.74 -11.22 35.78
N LEU B 396 -14.03 -10.70 34.59
CA LEU B 396 -13.51 -9.40 34.19
C LEU B 396 -14.11 -8.28 35.04
N LEU B 397 -15.44 -8.31 35.22
CA LEU B 397 -16.12 -7.24 35.96
C LEU B 397 -15.62 -7.12 37.39
N ASN B 398 -15.28 -8.24 38.02
CA ASN B 398 -14.76 -8.18 39.39
C ASN B 398 -13.36 -7.58 39.46
N LYS B 399 -12.67 -7.48 38.32
CA LYS B 399 -11.39 -6.80 38.22
C LYS B 399 -11.55 -5.40 37.67
N ASN B 400 -12.79 -4.92 37.60
CA ASN B 400 -13.12 -3.64 36.96
C ASN B 400 -12.57 -3.54 35.55
N VAL B 401 -12.63 -4.63 34.82
CA VAL B 401 -12.40 -4.66 33.38
C VAL B 401 -13.79 -4.78 32.75
N ARG B 402 -14.27 -3.70 32.14
CA ARG B 402 -15.65 -3.56 31.73
C ARG B 402 -15.82 -3.54 30.21
N ILE B 403 -14.83 -4.11 29.49
CA ILE B 403 -14.88 -4.17 28.03
C ILE B 403 -16.16 -4.85 27.54
N TRP B 404 -16.57 -5.92 28.22
CA TRP B 404 -17.67 -6.77 27.80
C TRP B 404 -18.97 -6.54 28.56
N GLU B 405 -19.03 -5.53 29.43
CA GLU B 405 -20.17 -5.43 30.35
C GLU B 405 -21.47 -5.23 29.58
N ALA B 406 -21.47 -4.28 28.63
CA ALA B 406 -22.70 -3.98 27.91
C ALA B 406 -23.18 -5.16 27.09
N ASN B 407 -22.30 -6.10 26.76
CA ASN B 407 -22.67 -7.28 25.99
C ASN B 407 -23.18 -8.41 26.85
N GLY B 408 -23.14 -8.25 28.17
CA GLY B 408 -23.61 -9.30 29.06
C GLY B 408 -24.86 -8.95 29.83
N THR B 409 -25.50 -7.82 29.55
CA THR B 409 -26.70 -7.44 30.30
C THR B 409 -27.90 -8.28 29.87
N ARG B 410 -28.90 -8.35 30.77
CA ARG B 410 -30.14 -9.04 30.44
C ARG B 410 -30.71 -8.54 29.12
N GLU B 411 -30.72 -7.21 28.94
CA GLU B 411 -31.35 -6.58 27.78
C GLU B 411 -30.57 -6.87 26.50
N PHE B 412 -29.23 -6.83 26.56
CA PHE B 412 -28.46 -7.16 25.36
C PHE B 412 -28.62 -8.63 24.99
N LEU B 413 -28.57 -9.52 25.97
CA LEU B 413 -28.76 -10.94 25.66
C LEU B 413 -30.16 -11.20 25.13
N ASP B 414 -31.18 -10.60 25.76
CA ASP B 414 -32.56 -10.76 25.28
C ASP B 414 -32.69 -10.26 23.84
N ASN B 415 -32.06 -9.14 23.52
CA ASN B 415 -32.16 -8.64 22.17
C ASN B 415 -31.42 -9.54 21.18
N ARG B 416 -30.42 -10.28 21.66
CA ARG B 416 -29.75 -11.34 20.93
C ARG B 416 -30.54 -12.62 20.87
N LYS B 417 -31.74 -12.64 21.46
CA LYS B 417 -32.59 -13.82 21.63
C LYS B 417 -31.93 -14.86 22.52
N LEU B 418 -30.98 -14.46 23.37
CA LEU B 418 -30.35 -15.41 24.31
C LEU B 418 -31.12 -15.40 25.63
N PHE B 419 -32.41 -15.77 25.51
CA PHE B 419 -33.35 -15.69 26.62
C PHE B 419 -32.93 -16.62 27.75
N HIS B 420 -32.23 -17.70 27.43
CA HIS B 420 -31.86 -18.70 28.41
C HIS B 420 -30.38 -18.63 28.79
N ARG B 421 -29.80 -17.44 28.66
CA ARG B 421 -28.41 -17.22 28.98
C ARG B 421 -28.34 -16.37 30.25
N GLU B 422 -27.54 -16.80 31.22
CA GLU B 422 -27.33 -15.99 32.42
C GLU B 422 -26.64 -14.67 32.08
N VAL B 423 -27.01 -13.62 32.81
CA VAL B 423 -26.36 -12.33 32.69
C VAL B 423 -24.85 -12.51 32.82
N ASN B 424 -24.10 -11.90 31.90
CA ASN B 424 -22.64 -11.94 31.83
C ASN B 424 -22.11 -13.30 31.41
N ASP B 425 -22.97 -14.22 30.98
CA ASP B 425 -22.51 -15.45 30.34
C ASP B 425 -22.50 -15.17 28.84
N LEU B 426 -21.31 -14.85 28.31
CA LEU B 426 -21.15 -14.38 26.94
C LEU B 426 -21.23 -15.52 25.92
N GLY B 427 -21.32 -16.76 26.36
CA GLY B 427 -21.39 -17.88 25.47
C GLY B 427 -20.02 -18.26 24.94
N PRO B 428 -19.98 -19.02 23.81
CA PRO B 428 -18.73 -19.61 23.28
C PRO B 428 -17.93 -18.63 22.41
N ILE B 429 -17.53 -17.52 23.02
CA ILE B 429 -16.69 -16.49 22.44
C ILE B 429 -15.23 -16.92 22.55
N TYR B 430 -14.32 -15.99 22.19
CA TYR B 430 -12.91 -16.22 21.93
C TYR B 430 -12.27 -17.29 22.80
N GLY B 431 -12.28 -17.09 24.10
CA GLY B 431 -11.59 -18.02 24.98
C GLY B 431 -12.06 -19.45 24.77
N PHE B 432 -13.38 -19.63 24.64
CA PHE B 432 -13.92 -20.98 24.41
C PHE B 432 -13.46 -21.54 23.06
N GLN B 433 -13.46 -20.74 22.00
CA GLN B 433 -13.01 -21.23 20.70
C GLN B 433 -11.50 -21.49 20.66
N TRP B 434 -10.70 -20.67 21.35
CA TRP B 434 -9.25 -20.86 21.35
C TRP B 434 -8.83 -22.18 22.02
N ARG B 435 -9.56 -22.61 23.06
CA ARG B 435 -9.22 -23.81 23.82
C ARG B 435 -10.17 -24.99 23.60
N HIS B 436 -11.39 -24.75 23.06
CA HIS B 436 -12.41 -25.81 23.00
C HIS B 436 -13.23 -25.80 21.72
N PHE B 437 -12.71 -25.25 20.62
CA PHE B 437 -13.45 -25.20 19.36
C PHE B 437 -14.12 -26.53 19.05
N GLY B 438 -15.44 -26.49 18.87
CA GLY B 438 -16.21 -27.65 18.51
C GLY B 438 -16.92 -28.32 19.66
N ALA B 439 -16.51 -28.06 20.89
CA ALA B 439 -17.22 -28.59 22.04
C ALA B 439 -18.59 -27.93 22.17
N GLU B 440 -19.52 -28.65 22.75
CA GLU B 440 -20.86 -28.13 22.99
C GLU B 440 -20.83 -27.21 24.20
N TYR B 441 -21.23 -25.96 24.00
CA TYR B 441 -21.31 -25.01 25.09
C TYR B 441 -22.55 -25.31 25.92
N THR B 442 -22.39 -25.34 27.24
CA THR B 442 -23.52 -25.45 28.15
C THR B 442 -23.71 -24.13 28.90
N ASN B 443 -22.76 -23.75 29.75
CA ASN B 443 -22.84 -22.50 30.50
C ASN B 443 -21.42 -22.16 30.91
N MET B 444 -21.24 -20.95 31.45
CA MET B 444 -19.88 -20.44 31.70
C MET B 444 -19.18 -21.13 32.86
N TYR B 445 -19.91 -21.89 33.68
CA TYR B 445 -19.33 -22.59 34.82
C TYR B 445 -18.91 -24.02 34.53
N ASP B 446 -19.27 -24.57 33.37
CA ASP B 446 -19.03 -25.97 33.14
C ASP B 446 -17.52 -26.27 33.04
N ASN B 447 -17.19 -27.53 33.21
CA ASN B 447 -15.83 -28.00 33.05
C ASN B 447 -15.69 -28.51 31.63
N TYR B 448 -14.83 -27.85 30.84
CA TYR B 448 -14.56 -28.23 29.46
C TYR B 448 -13.15 -28.81 29.23
N GLU B 449 -12.47 -29.27 30.28
CA GLU B 449 -11.16 -29.90 30.09
C GLU B 449 -11.23 -31.03 29.08
N ASN B 450 -10.35 -30.97 28.08
CA ASN B 450 -10.21 -32.00 27.07
C ASN B 450 -11.44 -32.11 26.17
N LYS B 451 -12.25 -31.06 26.10
CA LYS B 451 -13.35 -31.01 25.13
C LYS B 451 -13.06 -29.98 24.05
N GLY B 452 -13.31 -30.37 22.81
CA GLY B 452 -13.05 -29.52 21.68
C GLY B 452 -11.58 -29.45 21.30
N VAL B 453 -11.31 -28.69 20.24
CA VAL B 453 -9.97 -28.51 19.72
C VAL B 453 -9.30 -27.38 20.49
N ASP B 454 -8.12 -27.67 21.05
CA ASP B 454 -7.31 -26.66 21.73
C ASP B 454 -6.41 -26.03 20.68
N GLN B 455 -6.97 -25.05 19.95
CA GLN B 455 -6.21 -24.39 18.90
C GLN B 455 -4.96 -23.73 19.46
N LEU B 456 -5.09 -23.07 20.60
CA LEU B 456 -3.96 -22.31 21.13
C LEU B 456 -2.76 -23.23 21.36
N LYS B 457 -2.99 -24.38 21.98
CA LYS B 457 -1.92 -25.35 22.15
C LYS B 457 -1.40 -25.83 20.80
N ASN B 458 -2.30 -26.06 19.85
CA ASN B 458 -1.88 -26.58 18.55
C ASN B 458 -0.98 -25.59 17.82
N ILE B 459 -1.31 -24.29 17.85
CA ILE B 459 -0.50 -23.36 17.06
C ILE B 459 0.87 -23.20 17.70
N ILE B 460 0.92 -23.23 19.03
CA ILE B 460 2.21 -23.18 19.70
C ILE B 460 3.08 -24.37 19.31
N ASN B 461 2.49 -25.57 19.28
CA ASN B 461 3.25 -26.75 18.88
C ASN B 461 3.63 -26.71 17.41
N LEU B 462 2.76 -26.18 16.53
CA LEU B 462 3.16 -26.04 15.14
C LEU B 462 4.34 -25.09 14.99
N ILE B 463 4.32 -23.97 15.74
CA ILE B 463 5.40 -23.01 15.70
C ILE B 463 6.72 -23.64 16.14
N LYS B 464 6.68 -24.44 17.23
CA LYS B 464 7.91 -25.05 17.74
C LYS B 464 8.43 -26.15 16.82
N ASN B 465 7.53 -26.95 16.26
CA ASN B 465 7.89 -28.20 15.59
C ASN B 465 7.74 -28.19 14.07
N ASP B 466 6.97 -27.28 13.50
CA ASP B 466 6.78 -27.23 12.05
C ASP B 466 6.66 -25.76 11.65
N PRO B 467 7.74 -24.98 11.83
CA PRO B 467 7.61 -23.51 11.75
C PRO B 467 7.37 -22.97 10.36
N THR B 468 7.74 -23.70 9.30
CA THR B 468 7.40 -23.30 7.95
C THR B 468 6.00 -23.76 7.53
N SER B 469 5.21 -24.28 8.47
CA SER B 469 3.83 -24.59 8.18
C SER B 469 3.07 -23.34 7.76
N ARG B 470 2.23 -23.49 6.75
CA ARG B 470 1.34 -22.42 6.34
C ARG B 470 -0.04 -22.55 6.95
N ARG B 471 -0.18 -23.38 8.00
CA ARG B 471 -1.47 -23.69 8.60
C ARG B 471 -1.50 -23.31 10.07
N ILE B 472 -0.63 -22.39 10.49
CA ILE B 472 -0.58 -21.97 11.88
C ILE B 472 -1.60 -20.84 12.01
N LEU B 473 -2.86 -21.23 12.17
CA LEU B 473 -3.95 -20.27 12.28
C LEU B 473 -4.73 -20.49 13.55
N LEU B 474 -5.15 -19.40 14.16
CA LEU B 474 -5.99 -19.40 15.35
C LEU B 474 -7.28 -18.71 14.97
N CYS B 475 -8.39 -19.45 14.91
CA CYS B 475 -9.64 -18.92 14.37
C CYS B 475 -10.73 -18.86 15.42
N ALA B 476 -11.36 -17.70 15.55
CA ALA B 476 -12.45 -17.51 16.52
C ALA B 476 -13.83 -17.50 15.88
N TRP B 477 -13.91 -17.35 14.56
CA TRP B 477 -15.19 -17.32 13.86
C TRP B 477 -15.70 -18.76 13.68
N ASN B 478 -16.31 -19.28 14.74
CA ASN B 478 -16.94 -20.60 14.69
C ASN B 478 -18.37 -20.42 14.15
N VAL B 479 -18.56 -20.74 12.87
CA VAL B 479 -19.84 -20.47 12.20
C VAL B 479 -21.01 -21.14 12.94
N LYS B 480 -20.79 -22.35 13.48
CA LYS B 480 -21.86 -23.06 14.18
C LYS B 480 -22.31 -22.34 15.45
N ASP B 481 -21.38 -21.72 16.17
CA ASP B 481 -21.65 -21.14 17.48
C ASP B 481 -21.96 -19.65 17.43
N LEU B 482 -21.93 -19.00 16.27
CA LEU B 482 -22.03 -17.54 16.24
C LEU B 482 -23.25 -17.03 16.98
N ASP B 483 -24.42 -17.62 16.74
CA ASP B 483 -25.66 -17.11 17.33
C ASP B 483 -25.71 -17.29 18.84
N GLN B 484 -24.99 -18.28 19.38
CA GLN B 484 -24.92 -18.45 20.82
C GLN B 484 -23.95 -17.47 21.47
N MET B 485 -23.12 -16.79 20.69
CA MET B 485 -22.23 -15.77 21.24
C MET B 485 -22.99 -14.48 21.54
N ALA B 486 -22.53 -13.79 22.59
CA ALA B 486 -23.06 -12.47 22.90
C ALA B 486 -22.95 -11.57 21.69
N LEU B 487 -21.82 -11.65 20.98
CA LEU B 487 -21.72 -11.07 19.64
C LEU B 487 -20.63 -11.80 18.88
N PRO B 488 -20.73 -11.88 17.55
CA PRO B 488 -19.69 -12.56 16.78
C PRO B 488 -18.37 -11.81 16.88
N PRO B 489 -17.24 -12.51 16.82
CA PRO B 489 -15.96 -11.85 17.10
C PRO B 489 -15.58 -10.84 16.01
N CYS B 490 -14.98 -9.73 16.43
CA CYS B 490 -14.44 -8.82 15.43
C CYS B 490 -13.08 -9.29 14.93
N HIS B 491 -12.34 -10.00 15.76
CA HIS B 491 -11.02 -10.50 15.37
C HIS B 491 -11.18 -11.93 14.89
N ILE B 492 -11.24 -12.09 13.57
CA ILE B 492 -11.62 -13.36 13.00
C ILE B 492 -10.55 -14.42 13.25
N LEU B 493 -9.30 -14.08 12.95
CA LEU B 493 -8.23 -15.05 13.06
C LEU B 493 -6.88 -14.36 13.24
N CYS B 494 -5.91 -15.12 13.74
CA CYS B 494 -4.50 -14.83 13.62
C CYS B 494 -3.85 -15.90 12.76
N GLN B 495 -2.94 -15.50 11.89
CA GLN B 495 -2.03 -16.42 11.25
C GLN B 495 -0.61 -16.00 11.59
N PHE B 496 0.27 -16.98 11.75
CA PHE B 496 1.63 -16.75 12.21
C PHE B 496 2.59 -17.21 11.14
N TYR B 497 3.78 -16.65 11.19
CA TYR B 497 4.80 -16.89 10.19
C TYR B 497 6.14 -16.86 10.90
N VAL B 498 6.96 -17.89 10.64
CA VAL B 498 8.25 -18.06 11.29
C VAL B 498 9.35 -18.08 10.22
N PHE B 499 10.32 -17.18 10.36
CA PHE B 499 11.51 -17.24 9.51
C PHE B 499 12.72 -16.75 10.32
N ASP B 500 13.82 -17.49 10.18
CA ASP B 500 15.08 -17.15 10.86
C ASP B 500 14.86 -16.86 12.35
N GLY B 501 14.14 -17.77 13.01
CA GLY B 501 13.85 -17.59 14.43
C GLY B 501 13.10 -16.32 14.77
N LYS B 502 12.18 -15.88 13.91
CA LYS B 502 11.41 -14.67 14.13
C LYS B 502 9.93 -14.91 13.81
N LEU B 503 9.04 -14.31 14.63
CA LEU B 503 7.61 -14.58 14.58
C LEU B 503 6.85 -13.34 14.13
N SER B 504 6.10 -13.48 13.04
CA SER B 504 5.19 -12.45 12.60
C SER B 504 3.77 -12.99 12.71
N CYS B 505 2.81 -12.09 12.86
CA CYS B 505 1.41 -12.48 13.05
C CYS B 505 0.52 -11.53 12.27
N ILE B 506 -0.39 -12.11 11.48
CA ILE B 506 -1.45 -11.35 10.83
C ILE B 506 -2.71 -11.55 11.63
N MET B 507 -3.41 -10.46 11.94
CA MET B 507 -4.75 -10.53 12.48
C MET B 507 -5.73 -9.95 11.47
N TYR B 508 -6.80 -10.68 11.18
CA TYR B 508 -7.86 -10.21 10.30
C TYR B 508 -9.07 -9.78 11.14
N GLN B 509 -9.44 -8.51 10.99
CA GLN B 509 -10.52 -7.90 11.73
C GLN B 509 -11.63 -7.54 10.74
N ARG B 510 -12.83 -8.08 10.97
CA ARG B 510 -13.96 -7.84 10.08
C ARG B 510 -14.58 -6.47 10.32
N SER B 511 -14.45 -5.92 11.52
CA SER B 511 -15.16 -4.69 11.85
C SER B 511 -14.26 -3.83 12.71
N CYS B 512 -14.00 -2.60 12.27
CA CYS B 512 -12.91 -1.80 12.85
C CYS B 512 -13.43 -0.41 13.21
N ASP B 513 -13.66 -0.20 14.50
CA ASP B 513 -13.97 1.11 15.02
C ASP B 513 -12.64 1.85 15.10
N LEU B 514 -12.37 2.70 14.11
CA LEU B 514 -11.06 3.32 14.01
C LEU B 514 -10.78 4.25 15.19
N GLY B 515 -11.79 5.01 15.62
CA GLY B 515 -11.57 6.00 16.68
C GLY B 515 -11.36 5.38 18.05
N LEU B 516 -12.10 4.33 18.37
CA LEU B 516 -12.13 3.80 19.73
C LEU B 516 -11.52 2.41 19.82
N GLY B 517 -11.96 1.48 18.97
CA GLY B 517 -11.53 0.10 19.08
C GLY B 517 -10.15 -0.22 18.53
N VAL B 518 -9.86 0.24 17.31
CA VAL B 518 -8.60 -0.15 16.65
C VAL B 518 -7.35 0.18 17.47
N PRO B 519 -7.22 1.35 18.12
CA PRO B 519 -6.00 1.56 18.94
C PRO B 519 -5.78 0.49 20.01
N PHE B 520 -6.84 0.06 20.70
CA PHE B 520 -6.69 -1.04 21.66
C PHE B 520 -6.36 -2.35 20.96
N ASN B 521 -6.94 -2.57 19.77
CA ASN B 521 -6.74 -3.84 19.08
C ASN B 521 -5.29 -4.02 18.64
N ILE B 522 -4.66 -2.96 18.13
CA ILE B 522 -3.25 -3.05 17.78
C ILE B 522 -2.42 -3.44 19.00
N ALA B 523 -2.69 -2.84 20.16
CA ALA B 523 -1.93 -3.20 21.36
C ALA B 523 -2.16 -4.65 21.78
N SER B 524 -3.45 -5.06 21.87
CA SER B 524 -3.81 -6.43 22.25
C SER B 524 -3.00 -7.49 21.49
N TYR B 525 -3.08 -7.47 20.15
CA TYR B 525 -2.44 -8.49 19.33
C TYR B 525 -0.93 -8.25 19.18
N SER B 526 -0.46 -7.03 19.40
CA SER B 526 0.99 -6.84 19.50
C SER B 526 1.54 -7.51 20.75
N ILE B 527 0.86 -7.31 21.90
CA ILE B 527 1.24 -8.02 23.13
C ILE B 527 1.15 -9.53 22.92
N PHE B 528 0.02 -10.00 22.37
CA PHE B 528 -0.16 -11.43 22.11
C PHE B 528 0.96 -11.99 21.26
N THR B 529 1.42 -11.23 20.25
CA THR B 529 2.50 -11.72 19.41
C THR B 529 3.80 -11.87 20.20
N HIS B 530 4.10 -10.92 21.09
CA HIS B 530 5.23 -11.07 22.00
C HIS B 530 5.08 -12.30 22.87
N MET B 531 3.88 -12.53 23.43
CA MET B 531 3.72 -13.70 24.31
C MET B 531 3.96 -15.01 23.55
N ILE B 532 3.37 -15.16 22.36
CA ILE B 532 3.56 -16.40 21.61
C ILE B 532 5.03 -16.57 21.25
N ALA B 533 5.67 -15.47 20.82
CA ALA B 533 7.08 -15.56 20.45
C ALA B 533 7.93 -16.00 21.63
N GLN B 534 7.69 -15.44 22.81
CA GLN B 534 8.54 -15.77 23.95
C GLN B 534 8.38 -17.23 24.36
N VAL B 535 7.13 -17.73 24.46
CA VAL B 535 6.97 -19.12 24.86
C VAL B 535 7.43 -20.09 23.79
N CYS B 536 7.73 -19.62 22.57
CA CYS B 536 8.29 -20.47 21.52
C CYS B 536 9.77 -20.21 21.29
N ASN B 537 10.41 -19.42 22.16
CA ASN B 537 11.82 -19.06 22.06
C ASN B 537 12.14 -18.42 20.71
N LEU B 538 11.29 -17.50 20.27
CA LEU B 538 11.47 -16.73 19.05
C LEU B 538 11.50 -15.25 19.40
N GLN B 539 11.94 -14.46 18.43
CA GLN B 539 11.85 -13.02 18.54
C GLN B 539 10.65 -12.51 17.75
N PRO B 540 9.87 -11.58 18.29
CA PRO B 540 8.76 -11.01 17.52
C PRO B 540 9.30 -10.20 16.36
N ALA B 541 8.73 -10.40 15.16
CA ALA B 541 9.08 -9.46 14.10
C ALA B 541 7.97 -8.46 13.78
N GLN B 542 6.96 -8.87 13.01
CA GLN B 542 5.95 -7.92 12.55
C GLN B 542 4.57 -8.32 13.08
N PHE B 543 3.81 -7.32 13.49
CA PHE B 543 2.39 -7.48 13.65
C PHE B 543 1.73 -6.80 12.46
N ILE B 544 0.79 -7.51 11.85
CA ILE B 544 0.21 -7.14 10.57
C ILE B 544 -1.30 -7.17 10.72
N HIS B 545 -1.92 -6.03 10.51
CA HIS B 545 -3.31 -5.80 10.89
C HIS B 545 -4.11 -5.58 9.62
N VAL B 546 -5.06 -6.48 9.33
CA VAL B 546 -5.88 -6.40 8.13
C VAL B 546 -7.26 -5.95 8.55
N LEU B 547 -7.70 -4.81 8.02
CA LEU B 547 -8.97 -4.19 8.36
C LEU B 547 -9.97 -4.47 7.24
N GLY B 548 -11.12 -5.01 7.61
CA GLY B 548 -12.20 -5.31 6.68
C GLY B 548 -13.16 -4.14 6.59
N ASN B 549 -14.32 -4.19 7.23
CA ASN B 549 -15.15 -2.99 7.30
C ASN B 549 -14.51 -2.04 8.29
N ALA B 550 -13.93 -0.96 7.78
CA ALA B 550 -13.17 0.01 8.55
C ALA B 550 -13.95 1.31 8.61
N HIS B 551 -14.33 1.74 9.81
CA HIS B 551 -15.27 2.84 9.90
C HIS B 551 -14.85 3.85 10.96
N VAL B 552 -15.22 5.10 10.69
CA VAL B 552 -15.13 6.18 11.67
C VAL B 552 -16.56 6.58 12.01
N TYR B 553 -16.92 6.43 13.29
CA TYR B 553 -18.21 6.91 13.76
C TYR B 553 -18.29 8.43 13.64
N ASN B 554 -19.44 8.91 13.14
CA ASN B 554 -19.61 10.34 12.90
C ASN B 554 -19.34 11.18 14.13
N ASN B 555 -19.60 10.62 15.31
CA ASN B 555 -19.39 11.31 16.57
C ASN B 555 -17.97 11.18 17.10
N HIS B 556 -17.06 10.67 16.30
CA HIS B 556 -15.64 10.76 16.64
C HIS B 556 -14.92 11.80 15.81
N ILE B 557 -15.58 12.41 14.82
CA ILE B 557 -14.90 13.17 13.78
C ILE B 557 -14.17 14.36 14.38
N ASP B 558 -14.83 15.12 15.25
CA ASP B 558 -14.17 16.25 15.89
C ASP B 558 -12.94 15.82 16.66
N SER B 559 -13.06 14.73 17.43
CA SER B 559 -11.93 14.27 18.23
C SER B 559 -10.77 13.81 17.35
N LEU B 560 -11.08 13.08 16.27
CA LEU B 560 -10.02 12.58 15.40
C LEU B 560 -9.37 13.70 14.62
N LYS B 561 -10.10 14.77 14.30
CA LYS B 561 -9.48 15.98 13.74
C LYS B 561 -8.45 16.55 14.70
N ILE B 562 -8.78 16.64 15.98
CA ILE B 562 -7.78 17.07 16.96
C ILE B 562 -6.59 16.12 16.92
N GLN B 563 -6.85 14.81 16.92
CA GLN B 563 -5.76 13.84 16.99
C GLN B 563 -4.87 13.90 15.76
N LEU B 564 -5.45 14.09 14.56
CA LEU B 564 -4.65 14.09 13.33
C LEU B 564 -3.60 15.21 13.33
N ASN B 565 -3.83 16.30 14.05
CA ASN B 565 -2.89 17.41 14.06
C ASN B 565 -1.90 17.34 15.20
N ARG B 566 -1.88 16.25 15.96
CA ARG B 566 -0.83 16.02 16.92
C ARG B 566 0.28 15.22 16.27
N ILE B 567 1.52 15.55 16.64
CA ILE B 567 2.68 14.88 16.10
C ILE B 567 3.04 13.73 17.03
N PRO B 568 3.17 12.52 16.51
CA PRO B 568 3.49 11.38 17.38
C PRO B 568 4.84 11.55 18.05
N TYR B 569 4.98 10.92 19.23
CA TYR B 569 6.25 10.73 19.92
C TYR B 569 6.84 9.36 19.59
N PRO B 570 8.14 9.17 19.82
CA PRO B 570 8.71 7.83 19.66
C PRO B 570 7.99 6.82 20.54
N PHE B 571 7.72 5.65 19.96
CA PHE B 571 6.90 4.65 20.63
C PHE B 571 7.57 4.13 21.91
N PRO B 572 6.77 3.56 22.82
CA PRO B 572 7.32 2.86 23.98
C PRO B 572 7.89 1.50 23.60
N THR B 573 8.31 0.72 24.61
CA THR B 573 8.67 -0.67 24.40
C THR B 573 7.92 -1.52 25.41
N LEU B 574 7.75 -2.80 25.09
CA LEU B 574 7.12 -3.76 25.98
C LEU B 574 8.18 -4.69 26.55
N LYS B 575 8.13 -4.92 27.84
CA LYS B 575 8.99 -5.90 28.49
C LYS B 575 8.12 -7.00 29.09
N LEU B 576 8.40 -8.24 28.73
CA LEU B 576 7.79 -9.37 29.41
C LEU B 576 8.79 -9.97 30.38
N ASN B 577 8.27 -10.47 31.50
CA ASN B 577 9.02 -11.32 32.41
C ASN B 577 9.65 -12.45 31.61
N PRO B 578 10.98 -12.49 31.52
CA PRO B 578 11.61 -13.51 30.66
C PRO B 578 11.45 -14.93 31.16
N ASP B 579 11.07 -15.14 32.42
CA ASP B 579 10.97 -16.49 32.95
C ASP B 579 9.74 -17.24 32.45
N ILE B 580 8.76 -16.53 31.87
CA ILE B 580 7.51 -17.17 31.49
C ILE B 580 7.76 -17.94 30.20
N LYS B 581 7.72 -19.28 30.29
CA LYS B 581 7.98 -20.10 29.12
C LYS B 581 6.76 -20.90 28.68
N ASN B 582 5.59 -20.66 29.28
CA ASN B 582 4.36 -21.35 28.89
C ASN B 582 3.22 -20.33 28.77
N ILE B 583 2.38 -20.50 27.74
CA ILE B 583 1.42 -19.46 27.38
C ILE B 583 0.42 -19.22 28.52
N GLU B 584 0.17 -20.24 29.33
CA GLU B 584 -0.82 -20.13 30.39
C GLU B 584 -0.25 -19.55 31.68
N ASP B 585 1.04 -19.19 31.72
CA ASP B 585 1.66 -18.80 32.99
C ASP B 585 1.84 -17.31 33.16
N PHE B 586 1.39 -16.49 32.20
CA PHE B 586 1.47 -15.05 32.39
C PHE B 586 0.44 -14.57 33.40
N THR B 587 0.83 -13.58 34.19
CA THR B 587 -0.08 -12.85 35.05
C THR B 587 0.07 -11.38 34.76
N ILE B 588 -0.82 -10.56 35.33
CA ILE B 588 -0.79 -9.14 35.01
C ILE B 588 0.57 -8.51 35.31
N SER B 589 1.29 -9.01 36.31
CA SER B 589 2.54 -8.34 36.71
C SER B 589 3.72 -8.67 35.82
N ASP B 590 3.55 -9.59 34.86
CA ASP B 590 4.61 -9.95 33.94
C ASP B 590 4.75 -9.01 32.76
N PHE B 591 3.96 -7.95 32.70
CA PHE B 591 3.91 -7.05 31.56
C PHE B 591 4.28 -5.64 32.02
N THR B 592 5.24 -5.02 31.35
CA THR B 592 5.64 -3.67 31.70
C THR B 592 5.80 -2.86 30.42
N ILE B 593 5.14 -1.71 30.37
CA ILE B 593 5.33 -0.75 29.28
C ILE B 593 6.37 0.27 29.73
N GLN B 594 7.35 0.53 28.88
CA GLN B 594 8.45 1.41 29.26
C GLN B 594 8.49 2.63 28.34
N ASN B 595 8.67 3.80 28.94
CA ASN B 595 8.94 5.05 28.22
C ASN B 595 7.79 5.45 27.33
N TYR B 596 6.57 5.20 27.81
CA TYR B 596 5.37 5.64 27.11
C TYR B 596 5.30 7.15 27.23
N VAL B 597 5.64 7.83 26.14
CA VAL B 597 5.49 9.28 25.99
C VAL B 597 4.31 9.53 25.07
N HIS B 598 3.33 10.30 25.55
CA HIS B 598 2.06 10.42 24.86
C HIS B 598 1.49 11.83 25.01
N HIS B 599 0.65 12.20 24.05
CA HIS B 599 -0.16 13.41 24.16
C HIS B 599 -1.30 13.17 25.16
N GLU B 600 -2.05 14.25 25.39
CA GLU B 600 -3.16 14.22 26.34
C GLU B 600 -4.24 13.23 25.91
N LYS B 601 -4.90 12.62 26.89
CA LYS B 601 -6.04 11.76 26.60
C LYS B 601 -7.14 12.56 25.91
N ILE B 602 -7.97 11.86 25.16
CA ILE B 602 -9.04 12.47 24.38
C ILE B 602 -10.31 11.64 24.55
N SER B 603 -11.41 12.30 24.87
CA SER B 603 -12.71 11.64 24.84
C SER B 603 -13.17 11.60 23.39
N MET B 604 -13.34 10.40 22.85
CA MET B 604 -13.70 10.30 21.44
C MET B 604 -15.12 10.82 21.20
N ASP B 605 -15.99 10.64 22.19
CA ASP B 605 -17.34 11.19 22.18
C ASP B 605 -17.34 12.41 23.10
N MET B 606 -17.16 13.60 22.49
CA MET B 606 -17.07 14.85 23.24
C MET B 606 -18.43 15.47 23.55
PA NDP C . -5.47 10.55 -43.80
O1A NDP C . -4.22 9.80 -43.48
O2A NDP C . -6.33 11.12 -42.71
O5B NDP C . -5.13 11.82 -44.78
C5B NDP C . -4.83 11.34 -46.07
C4B NDP C . -4.76 12.64 -46.91
O4B NDP C . -4.03 13.64 -46.19
C3B NDP C . -4.07 12.47 -48.29
O3B NDP C . -4.98 11.98 -49.26
C2B NDP C . -3.77 13.99 -48.57
O2B NDP C . -4.87 14.73 -48.72
C1B NDP C . -3.27 14.42 -47.15
N9A NDP C . -1.87 14.17 -46.92
C8A NDP C . -1.28 13.13 -46.17
N7A NDP C . 0.06 13.18 -46.14
C5A NDP C . 0.37 14.33 -46.90
C6A NDP C . 1.61 14.93 -47.24
N6A NDP C . 2.82 14.43 -46.83
N1A NDP C . 1.65 16.06 -48.01
C2A NDP C . 0.41 16.53 -48.40
N3A NDP C . -0.83 16.08 -48.17
C4A NDP C . -0.83 14.95 -47.40
O3 NDP C . -6.36 9.48 -44.76
PN NDP C . -6.54 7.98 -44.16
O1N NDP C . -7.64 7.37 -44.93
O2N NDP C . -5.25 7.22 -43.92
O5D NDP C . -7.20 8.10 -42.49
C5D NDP C . -8.55 8.39 -42.51
C4D NDP C . -9.23 7.29 -41.71
O4D NDP C . -8.55 7.13 -40.44
C3D NDP C . -10.70 7.66 -41.37
O3D NDP C . -11.40 6.46 -41.31
C2D NDP C . -10.54 8.27 -39.98
O2D NDP C . -11.69 8.20 -39.19
C1D NDP C . -9.51 7.28 -39.40
N1N NDP C . -8.82 7.87 -38.28
C2N NDP C . -8.77 7.22 -37.04
C3N NDP C . -7.86 7.62 -36.09
C7N NDP C . -7.82 6.88 -34.76
O7N NDP C . -6.95 7.12 -33.85
N7N NDP C . -8.79 5.86 -34.54
C4N NDP C . -6.90 8.75 -36.36
C5N NDP C . -7.26 9.53 -37.57
C6N NDP C . -8.17 9.10 -38.45
P2B NDP C . -5.26 15.11 -50.40
O1X NDP C . -5.71 13.74 -50.78
O2X NDP C . -6.32 16.20 -50.23
O3X NDP C . -3.88 15.54 -50.85
N1 UMP D . -2.68 -23.32 -3.31
C2 UMP D . -3.10 -22.12 -3.88
N3 UMP D . -4.43 -21.98 -4.20
C4 UMP D . -5.33 -22.99 -3.99
C5 UMP D . -4.91 -24.19 -3.43
C6 UMP D . -3.57 -24.34 -3.10
O2 UMP D . -2.32 -21.17 -4.11
O4 UMP D . -6.51 -22.83 -4.30
C1' UMP D . -1.27 -23.60 -2.96
C2' UMP D . -0.66 -22.82 -1.79
C3' UMP D . 0.42 -23.81 -1.35
C4' UMP D . -0.21 -25.16 -1.59
O3' UMP D . 1.53 -23.68 -2.21
O4' UMP D . -1.09 -24.99 -2.69
C5' UMP D . -1.00 -25.62 -0.36
O5' UMP D . -0.09 -25.92 0.67
P UMP D . -0.43 -25.75 2.23
OP1 UMP D . 0.63 -26.51 2.98
OP2 UMP D . -0.31 -24.33 2.65
OP3 UMP D . -1.84 -26.20 2.48
C4 U8I E . -7.15 9.01 -30.06
C14 U8I E . -14.24 13.25 -33.21
C5 U8I E . -6.82 9.89 -32.16
C6 U8I E . -8.21 9.93 -32.37
C11 U8I E . -11.32 13.90 -33.51
C7 U8I E . -8.73 10.45 -33.71
C8 U8I E . -9.63 11.67 -33.65
C9 U8I E . -9.11 12.96 -33.47
C10 U8I E . -9.95 14.05 -33.40
C12 U8I E . -11.87 12.64 -33.80
C13 U8I E . -13.34 12.44 -33.90
N1 U8I E . -8.50 9.01 -30.17
N2 U8I E . -6.62 8.57 -28.91
C3 U8I E . -9.02 9.47 -31.33
N3 U8I E . -6.29 9.44 -31.01
C1 U8I E . -11.06 8.05 -31.50
C15 U8I E . -15.60 13.02 -33.29
C16 U8I E . -16.09 12.04 -34.15
C17 U8I E . -17.59 11.80 -34.25
C18 U8I E . -15.21 11.27 -34.88
C19 U8I E . -13.86 11.47 -34.77
C2 U8I E . -10.52 9.45 -31.38
C20 U8I E . -11.01 11.54 -33.80
N4 U8I E . -5.93 10.29 -33.09
O1 U8I E . -17.99 10.97 -35.09
O2 U8I E . -18.33 12.44 -33.46
C1 GOL F . -23.17 -17.00 8.55
O1 GOL F . -24.09 -17.96 8.99
C2 GOL F . -23.71 -15.53 8.84
O2 GOL F . -25.00 -15.50 9.36
C3 GOL F . -22.66 -14.88 9.78
O3 GOL F . -23.06 -13.55 9.98
N1 UMP G . -15.06 -3.26 17.61
C2 UMP G . -13.71 -3.07 17.40
N3 UMP G . -12.83 -3.87 18.10
C4 UMP G . -13.27 -4.83 18.99
C5 UMP G . -14.64 -5.00 19.20
C6 UMP G . -15.52 -4.19 18.50
O2 UMP G . -13.28 -2.20 16.61
O4 UMP G . -12.48 -5.53 19.61
C1' UMP G . -16.10 -2.43 16.97
C2' UMP G . -16.35 -2.66 15.50
C3' UMP G . -17.79 -2.19 15.43
C4' UMP G . -18.40 -2.74 16.70
O3' UMP G . -17.81 -0.78 15.52
O4' UMP G . -17.32 -2.74 17.61
C5' UMP G . -18.89 -4.18 16.56
O5' UMP G . -20.20 -4.20 16.02
P UMP G . -20.49 -5.09 14.72
OP1 UMP G . -20.45 -6.52 15.13
OP2 UMP G . -19.52 -4.81 13.62
OP3 UMP G . -21.87 -4.76 14.25
C4 U8I H . 23.44 14.51 17.25
C14 U8I H . 29.97 11.91 20.06
C5 U8I H . 24.81 16.24 17.92
C6 U8I H . 25.55 15.32 18.70
C11 U8I H . 30.63 14.96 17.94
C7 U8I H . 26.72 15.87 19.49
C8 U8I H . 28.09 15.57 18.92
C9 U8I H . 28.74 16.43 18.04
C10 U8I H . 29.99 16.13 17.55
C12 U8I H . 30.02 14.06 18.80
C13 U8I H . 30.68 12.83 19.29
N1 U8I H . 24.11 13.57 17.96
N2 U8I H . 22.39 14.10 16.52
C3 U8I H . 25.16 13.99 18.68
N3 U8I H . 23.74 15.82 17.19
C1 U8I H . 24.93 12.02 20.26
C15 U8I H . 30.55 10.76 20.54
C16 U8I H . 31.90 10.52 20.32
C17 U8I H . 32.54 9.26 20.84
C18 U8I H . 32.63 11.43 19.56
C19 U8I H . 32.04 12.58 19.06
C2 U8I H . 25.86 12.91 19.47
C20 U8I H . 28.76 14.41 19.30
N4 U8I H . 25.09 17.55 17.87
O1 U8I H . 31.80 8.37 21.30
O2 U8I H . 33.79 9.20 20.84
C1 GOL I . -4.41 -25.57 12.46
O1 GOL I . -3.33 -26.12 11.73
C2 GOL I . -4.29 -26.04 13.94
O2 GOL I . -3.96 -27.41 14.05
C3 GOL I . -5.65 -25.71 14.58
O3 GOL I . -5.94 -26.72 15.51
PA NDP J . 29.56 24.31 24.93
O1A NDP J . 28.41 25.26 24.82
O2A NDP J . 29.65 23.05 24.13
O5B NDP J . 30.94 25.12 24.64
C5B NDP J . 30.98 26.13 25.59
C4B NDP J . 32.19 26.95 25.22
O4B NDP J . 31.94 27.61 23.98
C3B NDP J . 32.50 27.98 26.30
O3B NDP J . 33.41 27.44 27.23
C2B NDP J . 33.24 29.06 25.48
O2B NDP J . 34.53 28.84 25.33
C1B NDP J . 32.53 28.91 24.06
N9A NDP J . 31.47 29.91 23.84
C8A NDP J . 30.12 29.86 24.25
N7A NDP J . 29.41 30.95 23.89
C5A NDP J . 30.35 31.76 23.21
C6A NDP J . 30.25 33.03 22.60
N6A NDP J . 29.06 33.71 22.59
N1A NDP J . 31.33 33.62 21.99
C2A NDP J . 32.50 32.88 22.04
N3A NDP J . 32.77 31.68 22.58
C4A NDP J . 31.64 31.12 23.18
O3 NDP J . 29.57 23.92 26.56
PN NDP J . 28.16 23.35 27.12
O1N NDP J . 28.47 22.75 28.43
O2N NDP J . 26.95 24.23 26.93
O5D NDP J . 27.71 21.87 26.21
C5D NDP J . 28.64 20.87 26.51
C4D NDP J . 27.87 19.62 26.99
O4D NDP J . 26.77 19.32 26.08
C3D NDP J . 28.81 18.38 27.02
O3D NDP J . 28.49 17.63 28.16
C2D NDP J . 28.44 17.64 25.72
O2D NDP J . 28.54 16.25 25.82
C1D NDP J . 26.92 18.00 25.56
N1N NDP J . 26.54 18.05 24.14
C2N NDP J . 25.59 17.17 23.63
C3N NDP J . 25.09 17.34 22.37
C7N NDP J . 24.09 16.36 21.90
O7N NDP J . 23.42 16.54 20.87
N7N NDP J . 23.88 15.20 22.67
C4N NDP J . 25.52 18.46 21.48
C5N NDP J . 26.66 19.23 22.05
C6N NDP J . 27.11 19.02 23.29
P2B NDP J . 35.48 29.93 26.41
O1X NDP J . 34.55 31.11 26.33
O2X NDP J . 36.82 30.03 25.68
O3X NDP J . 35.43 29.09 27.65
#